data_4N3A
#
_entry.id   4N3A
#
_cell.length_a   98.929
_cell.length_b   98.929
_cell.length_c   367.015
_cell.angle_alpha   90.000
_cell.angle_beta   90.000
_cell.angle_gamma   120.000
#
_symmetry.space_group_name_H-M   'P 61 2 2'
#
loop_
_entity.id
_entity.type
_entity.pdbx_description
1 polymer 'UDP-N-acetylglucosamine--peptide N-acetylglucosaminyltransferase 110 kDa subunit'
2 polymer 'Host cell factor 1'
3 non-polymer "URIDINE-5'-DIPHOSPHATE"
4 water water
#
loop_
_entity_poly.entity_id
_entity_poly.type
_entity_poly.pdbx_seq_one_letter_code
_entity_poly.pdbx_strand_id
1 'polypeptide(L)'
;GPGSCPTHADSLNNLANIKREQGNIEEAVRLYRKALEVFPEFAAAHSNLASVLQQQGKLQEALMHYKEAIRISPTFADAY
SNMGNTLKEMQDVQGALQCYTRAIQINPAFADAHSNLASIHKDSGNIPEAIASYRTALKLKPDFPDAYCNLAHCLQIVCD
WTDYDERMKKLVSIVADQLEKNRLPSVHPHHSMLYPLSHGFRKAIAERHGNLCLDKINVLHKPPYEHPKDLKLSDGRLRV
GYVSSDFGNHPTSHLMQSIPGMHNPDKFEVFCYALSPDDGTNFRVKVMAEANHFIDLSQIPCNGKAADRIHQDGIHILVN
MNGYTKGARNELFALRPAPIQAMWLGYPGTSGALFMDYIITDQETSPAEVAEQYSEKLAYMPHTFFIGDHANMFPHLKKK
AVIDFKSNGHIYDNRIVLNGIDLKAFLDSLPDVKIVKMKCPDGGDNADSSNTALNMPVIPMNTIAEAVIEMINRGQIQIT
INGFSISNGLATTQINNKAATGEEVPRTIIVTTRSQYGLPEDAIVYCNFNQLYKIDPSTLQMWANILKRVPNSVLWLLRF
PAVGEPNIQQYAQNMGLPQNRIIFSPVAPKEEHVRRGQLADVCLDTPLCNGHTTGMDVLWAGTPMVTMPGETLASRVAAS
QLTCLGCLELIAKNRQEYEDIAVKLGTDLEYLKKVRGKVWKQRISSPLFNTKQYTMELERLYLQMWEHYAAGNKPDHMIK
PVE
;
A
2 'polypeptide(L)' VRVCSNPPCATHETGTTNTATTATSN B
#
# COMPACT_ATOMS: atom_id res chain seq x y z
N CYS A 5 20.76 0.45 48.38
CA CYS A 5 19.62 -0.27 48.92
C CYS A 5 18.76 -0.91 47.82
N PRO A 6 18.53 -2.24 47.91
CA PRO A 6 17.65 -3.00 47.01
C PRO A 6 16.22 -2.46 47.03
N THR A 7 15.69 -2.19 48.21
CA THR A 7 14.32 -1.70 48.34
C THR A 7 14.15 -0.30 47.71
N HIS A 8 15.17 0.54 47.84
CA HIS A 8 15.19 1.88 47.23
C HIS A 8 15.19 1.78 45.68
N ALA A 9 16.13 1.00 45.15
CA ALA A 9 16.25 0.82 43.72
C ALA A 9 14.97 0.22 43.13
N ASP A 10 14.42 -0.79 43.80
CA ASP A 10 13.18 -1.44 43.39
C ASP A 10 12.03 -0.45 43.24
N SER A 11 11.90 0.46 44.21
N SER A 11 11.90 0.45 44.21
CA SER A 11 10.81 1.42 44.18
CA SER A 11 10.83 1.42 44.19
C SER A 11 10.97 2.38 43.02
C SER A 11 10.98 2.37 43.00
N LEU A 12 12.22 2.74 42.71
CA LEU A 12 12.51 3.60 41.57
C LEU A 12 12.15 2.90 40.27
N ASN A 13 12.57 1.65 40.14
CA ASN A 13 12.25 0.86 38.95
C ASN A 13 10.75 0.73 38.77
N ASN A 14 10.07 0.43 39.87
CA ASN A 14 8.62 0.16 39.81
C ASN A 14 7.81 1.42 39.51
N LEU A 15 8.24 2.54 40.08
CA LEU A 15 7.64 3.82 39.74
C LEU A 15 7.91 4.18 38.28
N ALA A 16 9.08 3.83 37.77
CA ALA A 16 9.40 4.13 36.38
C ALA A 16 8.51 3.32 35.44
N ASN A 17 8.20 2.08 35.82
CA ASN A 17 7.30 1.24 35.03
C ASN A 17 5.92 1.90 34.95
N ILE A 18 5.52 2.52 36.04
CA ILE A 18 4.26 3.24 36.11
C ILE A 18 4.25 4.47 35.21
N LYS A 19 5.33 5.25 35.24
CA LYS A 19 5.42 6.46 34.43
C LYS A 19 5.36 6.10 32.94
N ARG A 20 6.09 5.04 32.60
CA ARG A 20 6.12 4.47 31.26
C ARG A 20 4.72 4.14 30.74
N GLU A 21 3.94 3.41 31.54
CA GLU A 21 2.57 3.06 31.17
C GLU A 21 1.70 4.30 30.97
N GLN A 22 1.97 5.34 31.73
CA GLN A 22 1.17 6.56 31.67
C GLN A 22 1.53 7.41 30.47
N GLY A 23 2.59 7.04 29.77
CA GLY A 23 3.02 7.79 28.59
C GLY A 23 4.12 8.80 28.90
N ASN A 24 4.48 8.89 30.18
CA ASN A 24 5.57 9.78 30.57
C ASN A 24 6.93 9.11 30.36
N ILE A 25 7.38 9.10 29.13
CA ILE A 25 8.60 8.37 28.78
C ILE A 25 9.86 9.05 29.33
N GLU A 26 9.90 10.38 29.26
CA GLU A 26 11.04 11.13 29.76
C GLU A 26 11.23 10.92 31.27
N GLU A 27 10.14 10.94 32.00
CA GLU A 27 10.21 10.72 33.44
C GLU A 27 10.59 9.26 33.77
N ALA A 28 10.05 8.32 33.02
CA ALA A 28 10.48 6.91 33.11
C ALA A 28 11.99 6.74 32.97
N VAL A 29 12.56 7.31 31.91
CA VAL A 29 14.01 7.28 31.71
C VAL A 29 14.74 7.84 32.93
N ARG A 30 14.24 8.94 33.47
CA ARG A 30 14.89 9.60 34.59
C ARG A 30 14.94 8.66 35.79
N LEU A 31 13.81 7.99 36.04
CA LEU A 31 13.68 7.11 37.20
C LEU A 31 14.47 5.79 37.05
N TYR A 32 14.49 5.21 35.85
CA TYR A 32 15.32 4.03 35.60
C TYR A 32 16.78 4.39 35.81
N ARG A 33 17.17 5.58 35.35
CA ARG A 33 18.55 6.02 35.53
C ARG A 33 18.88 6.22 37.01
N LYS A 34 17.94 6.79 37.77
CA LYS A 34 18.17 6.97 39.20
C LYS A 34 18.33 5.60 39.87
N ALA A 35 17.50 4.65 39.45
CA ALA A 35 17.56 3.28 39.95
C ALA A 35 18.94 2.64 39.73
N LEU A 36 19.56 2.95 38.59
CA LEU A 36 20.84 2.36 38.27
C LEU A 36 22.00 3.03 39.02
N GLU A 37 21.80 4.26 39.47
CA GLU A 37 22.79 4.91 40.32
C GLU A 37 22.85 4.24 41.67
N VAL A 38 21.67 3.93 42.20
CA VAL A 38 21.54 3.29 43.50
C VAL A 38 22.12 1.88 43.49
N PHE A 39 21.79 1.13 42.44
CA PHE A 39 22.13 -0.29 42.30
C PHE A 39 22.58 -0.48 40.85
N PRO A 40 23.88 -0.37 40.60
CA PRO A 40 24.43 -0.42 39.23
C PRO A 40 24.21 -1.78 38.57
N GLU A 41 24.21 -2.87 39.33
CA GLU A 41 24.03 -4.21 38.77
C GLU A 41 22.57 -4.67 38.79
N PHE A 42 21.66 -3.79 38.43
CA PHE A 42 20.24 -4.06 38.54
C PHE A 42 19.74 -4.48 37.15
N ALA A 43 19.64 -5.79 36.92
CA ALA A 43 19.30 -6.29 35.59
C ALA A 43 17.95 -5.81 35.12
N ALA A 44 16.93 -5.89 35.98
CA ALA A 44 15.60 -5.47 35.58
C ALA A 44 15.64 -4.02 35.11
N ALA A 45 16.36 -3.17 35.82
CA ALA A 45 16.38 -1.75 35.46
C ALA A 45 17.12 -1.48 34.15
N HIS A 46 18.21 -2.21 33.90
CA HIS A 46 18.86 -2.13 32.60
C HIS A 46 17.92 -2.50 31.47
N SER A 47 17.23 -3.62 31.63
CA SER A 47 16.34 -4.08 30.58
C SER A 47 15.16 -3.11 30.40
N ASN A 48 14.57 -2.65 31.49
CA ASN A 48 13.47 -1.66 31.37
C ASN A 48 13.94 -0.32 30.80
N LEU A 49 15.11 0.16 31.19
CA LEU A 49 15.61 1.40 30.63
C LEU A 49 15.82 1.23 29.12
N ALA A 50 16.35 0.07 28.73
CA ALA A 50 16.59 -0.18 27.32
C ALA A 50 15.29 -0.11 26.53
N SER A 51 14.17 -0.56 27.11
CA SER A 51 12.87 -0.54 26.42
C SER A 51 12.40 0.86 26.11
N VAL A 52 12.55 1.78 27.06
CA VAL A 52 12.14 3.17 26.80
C VAL A 52 13.15 3.87 25.90
N LEU A 53 14.42 3.47 25.99
CA LEU A 53 15.41 4.05 25.08
C LEU A 53 15.06 3.67 23.65
N GLN A 54 14.61 2.42 23.46
CA GLN A 54 14.16 2.02 22.12
C GLN A 54 12.99 2.90 21.67
N GLN A 55 12.04 3.15 22.58
CA GLN A 55 10.89 4.00 22.27
C GLN A 55 11.29 5.42 21.85
N GLN A 56 12.45 5.89 22.31
CA GLN A 56 12.96 7.20 21.93
C GLN A 56 13.88 7.12 20.72
N GLY A 57 13.97 5.93 20.14
CA GLY A 57 14.79 5.72 18.95
C GLY A 57 16.28 5.61 19.22
N LYS A 58 16.66 5.42 20.47
CA LYS A 58 18.08 5.29 20.81
C LYS A 58 18.45 3.82 20.84
N LEU A 59 18.58 3.24 19.65
CA LEU A 59 18.63 1.78 19.52
C LEU A 59 19.94 1.17 19.99
N GLN A 60 21.06 1.78 19.63
CA GLN A 60 22.36 1.23 20.00
C GLN A 60 22.55 1.32 21.50
N GLU A 61 22.13 2.43 22.09
CA GLU A 61 22.20 2.59 23.53
C GLU A 61 21.30 1.55 24.22
N ALA A 62 20.14 1.27 23.63
CA ALA A 62 19.26 0.24 24.15
C ALA A 62 19.95 -1.12 24.12
N LEU A 63 20.59 -1.45 23.00
CA LEU A 63 21.25 -2.75 22.89
C LEU A 63 22.32 -2.92 23.97
N MET A 64 23.06 -1.85 24.25
CA MET A 64 24.08 -1.90 25.28
C MET A 64 23.49 -2.30 26.63
N HIS A 65 22.35 -1.73 26.97
CA HIS A 65 21.73 -2.02 28.24
C HIS A 65 21.10 -3.41 28.31
N TYR A 66 20.54 -3.91 27.20
CA TYR A 66 20.02 -5.28 27.17
C TYR A 66 21.15 -6.28 27.41
N LYS A 67 22.30 -6.03 26.79
CA LYS A 67 23.44 -6.92 26.96
C LYS A 67 23.95 -6.85 28.39
N GLU A 68 23.92 -5.67 28.99
CA GLU A 68 24.29 -5.55 30.41
C GLU A 68 23.32 -6.33 31.31
N ALA A 69 22.01 -6.25 31.05
CA ALA A 69 21.02 -7.00 31.83
C ALA A 69 21.29 -8.52 31.76
N ILE A 70 21.61 -8.98 30.55
CA ILE A 70 21.85 -10.40 30.29
C ILE A 70 23.19 -10.90 30.88
N ARG A 71 24.24 -10.09 30.81
CA ARG A 71 25.47 -10.38 31.56
C ARG A 71 25.22 -10.60 33.05
N ILE A 72 24.42 -9.73 33.65
CA ILE A 72 24.08 -9.81 35.07
C ILE A 72 23.18 -11.01 35.35
N SER A 73 22.21 -11.25 34.47
CA SER A 73 21.24 -12.32 34.67
C SER A 73 21.06 -13.12 33.37
N PRO A 74 21.91 -14.14 33.17
CA PRO A 74 22.00 -14.92 31.92
C PRO A 74 20.69 -15.58 31.45
N THR A 75 19.76 -15.83 32.37
CA THR A 75 18.51 -16.48 31.97
C THR A 75 17.36 -15.48 32.06
N PHE A 76 17.68 -14.20 31.86
CA PHE A 76 16.67 -13.15 31.94
C PHE A 76 15.85 -13.11 30.64
N ALA A 77 14.84 -13.98 30.55
CA ALA A 77 14.04 -14.09 29.33
C ALA A 77 13.42 -12.78 28.81
N ASP A 78 12.88 -11.94 29.71
CA ASP A 78 12.35 -10.63 29.28
C ASP A 78 13.38 -9.82 28.47
N ALA A 79 14.62 -9.79 28.96
CA ALA A 79 15.67 -9.03 28.30
C ALA A 79 15.94 -9.56 26.90
N TYR A 80 15.98 -10.89 26.74
CA TYR A 80 16.17 -11.47 25.40
C TYR A 80 15.04 -11.07 24.44
N SER A 81 13.81 -11.18 24.92
CA SER A 81 12.68 -10.91 24.04
C SER A 81 12.64 -9.41 23.71
N ASN A 82 12.80 -8.56 24.72
CA ASN A 82 12.89 -7.12 24.49
C ASN A 82 14.05 -6.76 23.54
N MET A 83 15.20 -7.39 23.73
CA MET A 83 16.35 -7.14 22.84
C MET A 83 16.04 -7.50 21.39
N GLY A 84 15.33 -8.60 21.19
CA GLY A 84 14.91 -9.00 19.86
C GLY A 84 14.06 -7.93 19.19
N ASN A 85 13.14 -7.32 19.93
CA ASN A 85 12.34 -6.20 19.39
C ASN A 85 13.22 -5.07 18.88
N THR A 86 14.30 -4.79 19.60
CA THR A 86 15.24 -3.77 19.19
C THR A 86 16.00 -4.20 17.94
N LEU A 87 16.45 -5.44 17.91
CA LEU A 87 17.17 -5.94 16.73
C LEU A 87 16.27 -5.97 15.50
N LYS A 88 15.00 -6.34 15.67
CA LYS A 88 14.02 -6.31 14.56
C LYS A 88 13.89 -4.92 13.95
N GLU A 89 13.76 -3.90 14.81
CA GLU A 89 13.65 -2.53 14.34
C GLU A 89 14.91 -2.07 13.61
N MET A 90 16.05 -2.65 13.98
CA MET A 90 17.31 -2.35 13.27
C MET A 90 17.50 -3.19 12.01
N GLN A 91 16.47 -3.94 11.62
CA GLN A 91 16.51 -4.79 10.42
C GLN A 91 17.45 -6.00 10.54
N ASP A 92 17.77 -6.38 11.77
CA ASP A 92 18.59 -7.56 12.01
C ASP A 92 17.63 -8.68 12.38
N VAL A 93 16.98 -9.22 11.37
CA VAL A 93 15.99 -10.27 11.54
C VAL A 93 16.62 -11.52 12.13
N GLN A 94 17.80 -11.91 11.67
CA GLN A 94 18.47 -13.07 12.21
C GLN A 94 18.77 -12.91 13.72
N GLY A 95 19.25 -11.74 14.11
CA GLY A 95 19.51 -11.44 15.52
C GLY A 95 18.24 -11.48 16.36
N ALA A 96 17.15 -10.96 15.80
CA ALA A 96 15.89 -10.95 16.53
C ALA A 96 15.41 -12.39 16.76
N LEU A 97 15.51 -13.21 15.71
CA LEU A 97 15.10 -14.60 15.76
C LEU A 97 15.90 -15.35 16.81
N GLN A 98 17.19 -15.05 16.86
CA GLN A 98 18.05 -15.70 17.83
C GLN A 98 17.62 -15.31 19.26
N CYS A 99 17.23 -14.05 19.47
CA CYS A 99 16.79 -13.60 20.79
C CYS A 99 15.45 -14.22 21.21
N TYR A 100 14.48 -14.23 20.29
CA TYR A 100 13.17 -14.77 20.61
C TYR A 100 13.27 -16.27 20.88
N THR A 101 14.06 -16.98 20.08
CA THR A 101 14.16 -18.44 20.22
C THR A 101 14.87 -18.80 21.52
N ARG A 102 15.84 -17.99 21.90
CA ARG A 102 16.51 -18.12 23.19
C ARG A 102 15.53 -17.88 24.36
N ALA A 103 14.76 -16.80 24.26
CA ALA A 103 13.80 -16.45 25.32
C ALA A 103 12.77 -17.55 25.55
N ILE A 104 12.26 -18.12 24.46
CA ILE A 104 11.30 -19.23 24.52
C ILE A 104 11.96 -20.52 25.00
N GLN A 105 13.23 -20.71 24.62
CA GLN A 105 14.01 -21.85 25.12
C GLN A 105 14.16 -21.77 26.66
N ILE A 106 14.32 -20.56 27.18
CA ILE A 106 14.40 -20.31 28.63
C ILE A 106 13.05 -20.46 29.33
N ASN A 107 12.00 -19.94 28.70
CA ASN A 107 10.67 -19.97 29.28
C ASN A 107 9.64 -20.17 28.17
N PRO A 108 9.29 -21.45 27.91
CA PRO A 108 8.34 -21.83 26.85
C PRO A 108 6.94 -21.26 27.07
N ALA A 109 6.71 -20.69 28.25
CA ALA A 109 5.39 -20.17 28.60
C ALA A 109 5.33 -18.66 28.52
N PHE A 110 6.35 -18.06 27.91
CA PHE A 110 6.50 -16.61 27.83
C PHE A 110 5.68 -16.06 26.66
N ALA A 111 4.45 -15.62 26.94
CA ALA A 111 3.52 -15.16 25.89
C ALA A 111 4.08 -14.06 24.98
N ASP A 112 4.70 -13.04 25.56
CA ASP A 112 5.18 -11.91 24.74
C ASP A 112 6.16 -12.38 23.68
N ALA A 113 7.07 -13.26 24.10
CA ALA A 113 8.09 -13.77 23.20
C ALA A 113 7.46 -14.55 22.04
N HIS A 114 6.44 -15.37 22.32
CA HIS A 114 5.70 -16.04 21.25
C HIS A 114 5.07 -15.06 20.26
N SER A 115 4.47 -14.00 20.77
CA SER A 115 3.85 -12.98 19.90
C SER A 115 4.89 -12.18 19.11
N ASN A 116 6.02 -11.87 19.74
CA ASN A 116 7.08 -11.18 19.04
C ASN A 116 7.65 -12.05 17.92
N LEU A 117 7.85 -13.34 18.19
CA LEU A 117 8.35 -14.25 17.16
C LEU A 117 7.35 -14.34 16.00
N ALA A 118 6.06 -14.41 16.35
CA ALA A 118 5.02 -14.49 15.33
C ALA A 118 5.12 -13.29 14.41
N SER A 119 5.49 -12.13 14.95
CA SER A 119 5.60 -10.93 14.10
C SER A 119 6.70 -11.07 13.04
N ILE A 120 7.75 -11.82 13.35
CA ILE A 120 8.79 -12.10 12.36
C ILE A 120 8.27 -12.97 11.23
N HIS A 121 7.60 -14.05 11.64
CA HIS A 121 6.96 -14.95 10.70
C HIS A 121 5.99 -14.18 9.82
N LYS A 122 5.23 -13.28 10.42
CA LYS A 122 4.26 -12.49 9.66
C LYS A 122 4.97 -11.59 8.65
N ASP A 123 6.03 -10.92 9.07
CA ASP A 123 6.76 -10.03 8.17
C ASP A 123 7.57 -10.81 7.11
N SER A 124 7.88 -12.08 7.37
CA SER A 124 8.59 -12.89 6.39
C SER A 124 7.63 -13.51 5.37
N GLY A 125 6.34 -13.46 5.64
CA GLY A 125 5.33 -13.99 4.71
C GLY A 125 4.90 -15.41 5.07
N ASN A 126 5.32 -15.87 6.24
CA ASN A 126 4.97 -17.21 6.69
C ASN A 126 3.74 -17.11 7.59
N ILE A 127 2.58 -16.85 6.98
CA ILE A 127 1.35 -16.62 7.73
C ILE A 127 0.87 -17.81 8.59
N PRO A 128 0.94 -19.06 8.06
CA PRO A 128 0.49 -20.16 8.92
C PRO A 128 1.33 -20.26 10.19
N GLU A 129 2.62 -19.93 10.10
CA GLU A 129 3.46 -20.01 11.29
C GLU A 129 3.20 -18.83 12.22
N ALA A 130 2.96 -17.65 11.64
CA ALA A 130 2.62 -16.49 12.43
C ALA A 130 1.32 -16.75 13.19
N ILE A 131 0.32 -17.28 12.48
CA ILE A 131 -0.95 -17.63 13.12
C ILE A 131 -0.74 -18.62 14.27
N ALA A 132 0.08 -19.65 14.03
CA ALA A 132 0.33 -20.63 15.09
C ALA A 132 1.02 -19.98 16.31
N SER A 133 2.02 -19.13 16.10
CA SER A 133 2.67 -18.47 17.25
C SER A 133 1.76 -17.47 18.00
N TYR A 134 0.95 -16.74 17.26
CA TYR A 134 -0.01 -15.82 17.89
C TYR A 134 -1.02 -16.61 18.70
N ARG A 135 -1.42 -17.78 18.22
CA ARG A 135 -2.41 -18.58 18.95
C ARG A 135 -1.82 -19.12 20.25
N THR A 136 -0.52 -19.44 20.21
CA THR A 136 0.16 -19.94 21.39
C THR A 136 0.21 -18.83 22.44
N ALA A 137 0.57 -17.63 22.00
CA ALA A 137 0.62 -16.46 22.87
C ALA A 137 -0.71 -16.22 23.57
N LEU A 138 -1.79 -16.33 22.80
CA LEU A 138 -3.13 -16.10 23.32
C LEU A 138 -3.59 -17.21 24.27
N LYS A 139 -3.15 -18.44 24.00
CA LYS A 139 -3.40 -19.54 24.92
C LYS A 139 -2.76 -19.22 26.28
N LEU A 140 -1.56 -18.66 26.24
CA LEU A 140 -0.78 -18.40 27.45
C LEU A 140 -1.25 -17.14 28.16
N LYS A 141 -1.63 -16.13 27.39
CA LYS A 141 -2.12 -14.86 27.95
C LYS A 141 -3.34 -14.42 27.17
N PRO A 142 -4.53 -14.85 27.60
CA PRO A 142 -5.76 -14.68 26.81
C PRO A 142 -6.09 -13.20 26.57
N ASP A 143 -5.68 -12.34 27.49
CA ASP A 143 -5.87 -10.90 27.33
C ASP A 143 -4.59 -10.28 26.78
N PHE A 144 -4.47 -10.24 25.45
CA PHE A 144 -3.24 -9.82 24.81
C PHE A 144 -3.60 -9.11 23.51
N PRO A 145 -3.90 -7.80 23.61
CA PRO A 145 -4.37 -6.99 22.49
C PRO A 145 -3.46 -7.02 21.26
N ASP A 146 -2.14 -6.84 21.45
CA ASP A 146 -1.21 -6.89 20.32
C ASP A 146 -1.30 -8.19 19.55
N ALA A 147 -1.29 -9.31 20.29
CA ALA A 147 -1.32 -10.62 19.65
C ALA A 147 -2.67 -10.85 18.97
N TYR A 148 -3.75 -10.48 19.66
CA TYR A 148 -5.08 -10.66 19.09
C TYR A 148 -5.26 -9.87 17.80
N CYS A 149 -4.85 -8.60 17.81
CA CYS A 149 -5.08 -7.76 16.65
C CYS A 149 -4.17 -8.14 15.48
N ASN A 150 -2.96 -8.60 15.78
CA ASN A 150 -2.05 -9.00 14.69
C ASN A 150 -2.49 -10.35 14.13
N LEU A 151 -3.00 -11.21 15.00
CA LEU A 151 -3.63 -12.45 14.58
C LEU A 151 -4.81 -12.16 13.66
N ALA A 152 -5.66 -11.20 14.03
CA ALA A 152 -6.81 -10.88 13.20
C ALA A 152 -6.38 -10.39 11.80
N HIS A 153 -5.29 -9.64 11.74
CA HIS A 153 -4.78 -9.21 10.46
C HIS A 153 -4.20 -10.39 9.66
N CYS A 154 -3.53 -11.33 10.32
CA CYS A 154 -3.09 -12.55 9.63
C CYS A 154 -4.29 -13.28 9.02
N LEU A 155 -5.34 -13.44 9.80
CA LEU A 155 -6.55 -14.11 9.34
C LEU A 155 -7.17 -13.36 8.17
N GLN A 156 -7.13 -12.02 8.20
CA GLN A 156 -7.64 -11.22 7.08
C GLN A 156 -6.83 -11.47 5.81
N ILE A 157 -5.51 -11.50 5.94
CA ILE A 157 -4.63 -11.73 4.78
C ILE A 157 -4.98 -13.01 4.02
N VAL A 158 -5.33 -14.07 4.73
CA VAL A 158 -5.62 -15.35 4.10
C VAL A 158 -7.12 -15.67 3.96
N CYS A 159 -7.97 -14.67 4.21
CA CYS A 159 -9.41 -14.85 4.13
C CYS A 159 -9.92 -16.00 5.01
N ASP A 160 -9.42 -16.09 6.23
CA ASP A 160 -9.98 -16.99 7.21
C ASP A 160 -11.02 -16.20 8.00
N TRP A 161 -12.30 -16.47 7.74
CA TRP A 161 -13.39 -15.73 8.37
C TRP A 161 -14.09 -16.50 9.48
N THR A 162 -13.38 -17.45 10.09
CA THR A 162 -13.91 -18.21 11.21
CA THR A 162 -13.93 -18.20 11.20
C THR A 162 -14.28 -17.25 12.36
N ASP A 163 -15.53 -17.35 12.83
CA ASP A 163 -16.00 -16.50 13.93
C ASP A 163 -15.74 -15.02 13.66
N TYR A 164 -15.96 -14.62 12.42
CA TYR A 164 -15.61 -13.28 11.98
C TYR A 164 -16.40 -12.19 12.73
N ASP A 165 -17.68 -12.46 12.98
CA ASP A 165 -18.54 -11.53 13.72
C ASP A 165 -17.99 -11.26 15.12
N GLU A 166 -17.67 -12.33 15.85
CA GLU A 166 -17.08 -12.19 17.19
C GLU A 166 -15.73 -11.50 17.11
N ARG A 167 -14.97 -11.82 16.07
CA ARG A 167 -13.66 -11.18 15.85
C ARG A 167 -13.77 -9.67 15.72
N MET A 168 -14.69 -9.20 14.89
CA MET A 168 -14.89 -7.77 14.72
C MET A 168 -15.33 -7.16 16.04
N LYS A 169 -16.20 -7.85 16.74
CA LYS A 169 -16.74 -7.31 18.00
C LYS A 169 -15.60 -7.11 18.98
N LYS A 170 -14.73 -8.11 19.08
CA LYS A 170 -13.60 -8.02 19.99
C LYS A 170 -12.58 -6.96 19.59
N LEU A 171 -12.29 -6.83 18.29
CA LEU A 171 -11.37 -5.78 17.84
C LEU A 171 -11.87 -4.40 18.24
N VAL A 172 -13.14 -4.13 17.97
CA VAL A 172 -13.71 -2.85 18.38
C VAL A 172 -13.70 -2.68 19.90
N SER A 173 -14.00 -3.74 20.64
CA SER A 173 -13.93 -3.70 22.10
C SER A 173 -12.53 -3.32 22.61
N ILE A 174 -11.51 -3.95 22.03
CA ILE A 174 -10.11 -3.67 22.37
C ILE A 174 -9.74 -2.22 22.12
N VAL A 175 -9.99 -1.73 20.90
CA VAL A 175 -9.69 -0.35 20.54
C VAL A 175 -10.42 0.66 21.45
N ALA A 176 -11.69 0.41 21.73
CA ALA A 176 -12.47 1.26 22.64
C ALA A 176 -11.81 1.33 24.02
N ASP A 177 -11.43 0.18 24.55
CA ASP A 177 -10.82 0.11 25.87
C ASP A 177 -9.46 0.80 25.89
N GLN A 178 -8.64 0.54 24.87
CA GLN A 178 -7.32 1.16 24.79
C GLN A 178 -7.39 2.69 24.67
N LEU A 179 -8.30 3.18 23.82
CA LEU A 179 -8.43 4.62 23.64
C LEU A 179 -8.92 5.30 24.93
N GLU A 180 -9.81 4.63 25.66
CA GLU A 180 -10.36 5.20 26.88
C GLU A 180 -9.28 5.31 27.96
N LYS A 181 -8.43 4.30 28.02
CA LYS A 181 -7.37 4.23 29.01
C LYS A 181 -6.11 4.96 28.57
N ASN A 182 -6.20 5.70 27.47
CA ASN A 182 -5.06 6.44 26.93
C ASN A 182 -3.85 5.56 26.62
N ARG A 183 -4.07 4.49 25.88
CA ARG A 183 -3.00 3.61 25.43
C ARG A 183 -2.92 3.61 23.91
N LEU A 184 -1.79 3.14 23.38
CA LEU A 184 -1.62 3.00 21.94
C LEU A 184 -2.46 1.83 21.44
N PRO A 185 -3.39 2.10 20.52
CA PRO A 185 -4.25 1.06 19.95
C PRO A 185 -3.44 -0.06 19.25
N SER A 186 -3.84 -1.31 19.49
CA SER A 186 -3.16 -2.44 18.88
C SER A 186 -3.56 -2.63 17.42
N VAL A 187 -4.59 -1.92 16.97
CA VAL A 187 -4.90 -1.89 15.54
C VAL A 187 -4.06 -0.81 14.87
N HIS A 188 -3.32 -1.17 13.83
CA HIS A 188 -2.48 -0.22 13.09
C HIS A 188 -3.35 0.69 12.22
N PRO A 189 -2.99 1.99 12.11
CA PRO A 189 -3.80 2.95 11.35
C PRO A 189 -4.10 2.48 9.94
N HIS A 190 -3.13 1.82 9.30
CA HIS A 190 -3.30 1.41 7.90
C HIS A 190 -4.33 0.30 7.79
N HIS A 191 -4.52 -0.45 8.87
CA HIS A 191 -5.46 -1.56 8.84
C HIS A 191 -6.84 -1.17 9.34
N SER A 192 -6.94 0.02 9.93
CA SER A 192 -8.19 0.41 10.61
C SER A 192 -9.37 0.48 9.64
N MET A 193 -9.08 0.63 8.36
CA MET A 193 -10.10 0.75 7.32
C MET A 193 -10.82 -0.57 7.07
N LEU A 194 -10.21 -1.66 7.53
CA LEU A 194 -10.72 -3.01 7.25
C LEU A 194 -11.76 -3.51 8.24
N TYR A 195 -11.92 -2.79 9.34
CA TYR A 195 -12.76 -3.25 10.44
C TYR A 195 -13.85 -2.23 10.68
N PRO A 196 -15.00 -2.66 11.23
CA PRO A 196 -16.13 -1.75 11.46
C PRO A 196 -15.94 -0.82 12.65
N LEU A 197 -14.88 -0.02 12.61
CA LEU A 197 -14.64 0.98 13.64
C LEU A 197 -15.35 2.26 13.26
N SER A 198 -15.70 3.10 14.23
CA SER A 198 -16.28 4.40 13.90
C SER A 198 -15.21 5.30 13.28
N HIS A 199 -15.62 6.35 12.58
CA HIS A 199 -14.68 7.32 12.04
C HIS A 199 -13.86 7.98 13.14
N GLY A 200 -14.51 8.22 14.28
CA GLY A 200 -13.83 8.79 15.43
C GLY A 200 -12.68 7.92 15.88
N PHE A 201 -12.92 6.62 15.99
CA PHE A 201 -11.87 5.69 16.39
C PHE A 201 -10.71 5.69 15.38
N ARG A 202 -11.03 5.71 14.09
CA ARG A 202 -10.00 5.65 13.06
C ARG A 202 -9.09 6.87 13.09
N LYS A 203 -9.66 8.04 13.31
CA LYS A 203 -8.82 9.24 13.42
C LYS A 203 -7.94 9.20 14.67
N ALA A 204 -8.49 8.69 15.77
CA ALA A 204 -7.76 8.63 17.04
C ALA A 204 -6.62 7.62 16.98
N ILE A 205 -6.85 6.50 16.28
CA ILE A 205 -5.79 5.51 16.10
C ILE A 205 -4.61 6.14 15.36
N ALA A 206 -4.91 6.90 14.32
CA ALA A 206 -3.87 7.54 13.53
C ALA A 206 -3.14 8.59 14.37
N GLU A 207 -3.91 9.38 15.11
CA GLU A 207 -3.37 10.41 15.99
C GLU A 207 -2.39 9.87 17.04
N ARG A 208 -2.70 8.71 17.61
CA ARG A 208 -1.84 8.16 18.64
C ARG A 208 -0.56 7.57 18.06
N HIS A 209 -0.64 7.01 16.86
CA HIS A 209 0.58 6.54 16.18
C HIS A 209 1.50 7.70 15.76
N GLY A 210 0.90 8.81 15.33
CA GLY A 210 1.68 9.99 15.01
C GLY A 210 2.41 10.51 16.23
N ASN A 211 1.81 10.30 17.40
CA ASN A 211 2.45 10.77 18.63
C ASN A 211 3.68 9.96 19.04
N LEU A 212 3.83 8.75 18.51
CA LEU A 212 5.06 7.98 18.69
C LEU A 212 6.27 8.73 18.11
N CYS A 213 6.05 9.43 17.01
CA CYS A 213 7.12 10.19 16.37
C CYS A 213 7.60 11.30 17.29
N LEU A 214 6.67 11.88 18.05
CA LEU A 214 6.97 12.97 18.96
C LEU A 214 7.91 12.50 20.08
N ASP A 215 7.71 11.28 20.55
CA ASP A 215 8.56 10.69 21.59
C ASP A 215 10.00 10.61 21.11
N LYS A 216 10.16 10.45 19.80
CA LYS A 216 11.49 10.30 19.20
C LYS A 216 12.15 11.63 18.86
N ILE A 217 11.37 12.67 18.62
CA ILE A 217 11.95 13.96 18.27
C ILE A 217 12.12 14.89 19.48
N ASN A 218 11.38 14.63 20.54
CA ASN A 218 11.50 15.45 21.75
C ASN A 218 12.86 15.34 22.41
N VAL A 219 13.45 14.15 22.34
CA VAL A 219 14.76 13.92 22.93
C VAL A 219 15.85 14.69 22.19
N LEU A 220 15.54 15.13 20.97
CA LEU A 220 16.48 15.89 20.17
C LEU A 220 16.63 17.33 20.67
N HIS A 221 15.59 17.83 21.32
CA HIS A 221 15.59 19.19 21.87
C HIS A 221 15.94 20.26 20.85
N LYS A 222 15.31 20.20 19.67
CA LYS A 222 15.54 21.18 18.62
C LYS A 222 14.51 22.30 18.65
N PRO A 223 14.95 23.54 18.42
CA PRO A 223 14.01 24.67 18.39
C PRO A 223 13.21 24.62 17.10
N PRO A 224 12.06 25.32 17.06
CA PRO A 224 11.31 25.41 15.80
C PRO A 224 12.18 25.99 14.69
N TYR A 225 11.90 25.58 13.47
CA TYR A 225 12.62 26.10 12.31
C TYR A 225 12.03 27.42 11.86
N GLU A 226 12.88 28.26 11.28
CA GLU A 226 12.41 29.48 10.63
C GLU A 226 12.09 29.19 9.17
N HIS A 227 10.88 29.54 8.76
CA HIS A 227 10.42 29.22 7.41
C HIS A 227 10.43 30.46 6.51
N PRO A 228 10.72 30.27 5.22
CA PRO A 228 10.68 31.39 4.26
C PRO A 228 9.29 31.99 4.19
N LYS A 229 9.18 33.28 3.86
CA LYS A 229 7.88 33.92 3.72
C LYS A 229 7.72 34.55 2.34
N ASP A 230 8.71 34.33 1.49
CA ASP A 230 8.69 34.79 0.09
C ASP A 230 9.48 33.82 -0.79
N LEU A 231 9.47 34.06 -2.10
CA LEU A 231 10.19 33.20 -3.03
C LEU A 231 11.43 33.89 -3.58
N LYS A 232 11.89 34.92 -2.86
CA LYS A 232 13.02 35.72 -3.30
C LYS A 232 14.31 34.92 -3.40
N LEU A 233 14.63 34.16 -2.36
CA LEU A 233 15.86 33.37 -2.33
C LEU A 233 15.89 32.26 -3.38
N SER A 234 14.72 31.93 -3.91
CA SER A 234 14.59 30.85 -4.89
C SER A 234 14.18 31.42 -6.24
N ASP A 235 14.47 32.70 -6.45
CA ASP A 235 14.22 33.38 -7.72
C ASP A 235 12.79 33.23 -8.22
N GLY A 236 11.83 33.35 -7.30
CA GLY A 236 10.43 33.30 -7.66
C GLY A 236 9.87 31.90 -7.87
N ARG A 237 10.71 30.88 -7.70
CA ARG A 237 10.27 29.49 -7.82
C ARG A 237 9.82 28.90 -6.50
N LEU A 238 8.75 28.12 -6.52
CA LEU A 238 8.28 27.41 -5.35
C LEU A 238 9.09 26.12 -5.18
N ARG A 239 9.73 25.94 -4.03
CA ARG A 239 10.52 24.74 -3.77
C ARG A 239 9.66 23.65 -3.12
N VAL A 240 9.43 22.57 -3.87
CA VAL A 240 8.65 21.44 -3.42
C VAL A 240 9.57 20.28 -3.14
N GLY A 241 9.43 19.66 -1.97
CA GLY A 241 10.20 18.48 -1.65
C GLY A 241 9.30 17.27 -1.51
N TYR A 242 9.57 16.23 -2.29
CA TYR A 242 8.82 14.97 -2.19
C TYR A 242 9.59 13.96 -1.37
N VAL A 243 8.98 13.46 -0.30
CA VAL A 243 9.66 12.54 0.61
C VAL A 243 9.07 11.15 0.53
N SER A 244 9.89 10.17 0.18
CA SER A 244 9.38 8.84 -0.05
C SER A 244 10.40 7.73 0.18
N SER A 245 9.94 6.62 0.71
CA SER A 245 10.80 5.44 0.82
C SER A 245 10.68 4.61 -0.45
N ASP A 246 9.85 5.09 -1.37
CA ASP A 246 9.42 4.28 -2.51
C ASP A 246 9.84 4.76 -3.91
N PHE A 247 10.96 5.50 -3.98
CA PHE A 247 11.57 5.84 -5.26
C PHE A 247 12.40 4.65 -5.71
N GLY A 248 11.83 3.85 -6.60
CA GLY A 248 12.37 2.54 -6.95
C GLY A 248 11.23 1.63 -7.40
N ASN A 249 11.49 0.33 -7.51
CA ASN A 249 10.43 -0.60 -7.92
C ASN A 249 9.34 -0.79 -6.86
N HIS A 250 8.45 0.20 -6.77
CA HIS A 250 7.37 0.19 -5.78
CA HIS A 250 7.37 0.17 -5.80
C HIS A 250 6.15 0.81 -6.46
N PRO A 251 4.94 0.41 -6.06
CA PRO A 251 3.70 0.99 -6.63
C PRO A 251 3.70 2.53 -6.70
N THR A 252 4.24 3.19 -5.68
CA THR A 252 4.29 4.64 -5.66
C THR A 252 5.03 5.25 -6.87
N SER A 253 6.17 4.66 -7.24
CA SER A 253 6.90 5.11 -8.41
C SER A 253 6.13 4.76 -9.69
N HIS A 254 5.45 3.63 -9.71
CA HIS A 254 4.64 3.24 -10.87
C HIS A 254 3.49 4.24 -11.09
N LEU A 255 3.19 5.04 -10.08
CA LEU A 255 2.16 6.05 -10.24
C LEU A 255 2.72 7.43 -10.62
N MET A 256 3.72 7.92 -9.89
CA MET A 256 4.15 9.31 -10.04
C MET A 256 5.57 9.56 -10.58
N GLN A 257 6.26 8.52 -11.07
CA GLN A 257 7.66 8.69 -11.49
C GLN A 257 7.86 9.79 -12.56
N SER A 258 6.82 10.13 -13.31
CA SER A 258 6.93 11.14 -14.36
C SER A 258 6.72 12.56 -13.86
N ILE A 259 6.10 12.68 -12.68
CA ILE A 259 5.71 13.97 -12.15
C ILE A 259 6.86 14.96 -11.82
N PRO A 260 7.93 14.49 -11.15
CA PRO A 260 9.04 15.44 -10.90
C PRO A 260 9.59 16.06 -12.18
N GLY A 261 9.69 15.28 -13.25
CA GLY A 261 10.20 15.78 -14.51
C GLY A 261 9.24 16.70 -15.24
N MET A 262 7.95 16.59 -14.93
CA MET A 262 6.94 17.38 -15.63
C MET A 262 6.61 18.71 -14.95
N HIS A 263 7.17 18.92 -13.76
CA HIS A 263 7.01 20.22 -13.11
C HIS A 263 7.66 21.29 -13.98
N ASN A 264 7.03 22.45 -14.01
CA ASN A 264 7.51 23.61 -14.75
C ASN A 264 8.70 24.27 -14.05
N PRO A 265 9.90 24.12 -14.63
CA PRO A 265 11.13 24.61 -14.01
C PRO A 265 11.19 26.13 -13.94
N ASP A 266 10.25 26.82 -14.58
CA ASP A 266 10.18 28.28 -14.49
C ASP A 266 9.53 28.72 -13.18
N LYS A 267 8.60 27.91 -12.68
CA LYS A 267 7.84 28.26 -11.48
C LYS A 267 8.10 27.33 -10.30
N PHE A 268 8.76 26.20 -10.55
CA PHE A 268 8.97 25.20 -9.51
C PHE A 268 10.38 24.59 -9.52
N GLU A 269 10.92 24.41 -8.32
CA GLU A 269 12.17 23.68 -8.13
C GLU A 269 11.86 22.42 -7.31
N VAL A 270 12.11 21.26 -7.91
CA VAL A 270 11.70 20.01 -7.29
C VAL A 270 12.85 19.31 -6.58
N PHE A 271 12.61 18.94 -5.33
CA PHE A 271 13.57 18.18 -4.55
C PHE A 271 12.97 16.83 -4.23
N CYS A 272 13.69 15.76 -4.52
CA CYS A 272 13.19 14.45 -4.12
C CYS A 272 14.04 13.91 -2.99
N TYR A 273 13.38 13.61 -1.87
CA TYR A 273 14.07 13.08 -0.70
C TYR A 273 13.79 11.58 -0.52
N ALA A 274 14.73 10.75 -0.99
CA ALA A 274 14.58 9.32 -0.87
C ALA A 274 14.88 8.88 0.54
N LEU A 275 13.98 8.08 1.11
CA LEU A 275 14.22 7.49 2.42
C LEU A 275 14.83 6.11 2.27
N SER A 276 14.99 5.66 1.03
CA SER A 276 15.51 4.31 0.78
C SER A 276 16.78 4.36 -0.07
N PRO A 277 17.63 3.32 0.02
CA PRO A 277 18.82 3.28 -0.84
C PRO A 277 18.47 2.91 -2.29
N ASP A 278 19.37 3.22 -3.22
CA ASP A 278 19.19 2.94 -4.64
C ASP A 278 19.03 1.44 -4.88
N ASP A 279 17.87 1.03 -5.43
CA ASP A 279 17.67 -0.38 -5.77
C ASP A 279 18.15 -0.71 -7.19
N GLY A 280 18.71 0.27 -7.87
CA GLY A 280 19.28 0.05 -9.19
C GLY A 280 18.30 -0.07 -10.36
N THR A 281 17.01 0.13 -10.10
CA THR A 281 16.01 0.07 -11.17
C THR A 281 15.88 1.37 -11.95
N ASN A 282 15.28 1.29 -13.15
CA ASN A 282 15.05 2.47 -13.99
C ASN A 282 14.10 3.48 -13.35
N PHE A 283 13.24 2.99 -12.45
CA PHE A 283 12.37 3.88 -11.71
C PHE A 283 13.20 4.86 -10.88
N ARG A 284 14.20 4.32 -10.19
CA ARG A 284 15.05 5.16 -9.36
C ARG A 284 15.93 6.06 -10.23
N VAL A 285 16.52 5.49 -11.28
CA VAL A 285 17.33 6.24 -12.22
C VAL A 285 16.56 7.46 -12.74
N LYS A 286 15.33 7.22 -13.15
CA LYS A 286 14.51 8.27 -13.74
C LYS A 286 14.25 9.44 -12.79
N VAL A 287 13.79 9.15 -11.58
CA VAL A 287 13.48 10.20 -10.61
C VAL A 287 14.77 10.99 -10.27
N MET A 288 15.88 10.26 -10.14
CA MET A 288 17.16 10.90 -9.82
C MET A 288 17.59 11.81 -10.95
N ALA A 289 17.30 11.39 -12.18
CA ALA A 289 17.68 12.16 -13.36
C ALA A 289 16.78 13.36 -13.63
N GLU A 290 15.49 13.25 -13.32
CA GLU A 290 14.53 14.28 -13.72
C GLU A 290 14.17 15.29 -12.62
N ALA A 291 14.43 14.93 -11.37
CA ALA A 291 14.19 15.88 -10.28
C ALA A 291 15.29 16.91 -10.37
N ASN A 292 15.01 18.14 -9.95
CA ASN A 292 16.03 19.18 -9.97
C ASN A 292 17.14 18.83 -8.99
N HIS A 293 16.74 18.31 -7.82
CA HIS A 293 17.71 17.87 -6.84
C HIS A 293 17.28 16.54 -6.25
N PHE A 294 18.21 15.61 -6.15
CA PHE A 294 17.91 14.34 -5.53
C PHE A 294 18.80 14.10 -4.33
N ILE A 295 18.17 13.89 -3.17
CA ILE A 295 18.86 13.79 -1.90
C ILE A 295 18.58 12.44 -1.26
N ASP A 296 19.63 11.65 -1.07
CA ASP A 296 19.47 10.33 -0.49
C ASP A 296 19.52 10.42 1.03
N LEU A 297 18.36 10.50 1.67
CA LEU A 297 18.29 10.58 3.12
C LEU A 297 18.56 9.24 3.82
N SER A 298 18.60 8.16 3.05
CA SER A 298 18.98 6.88 3.63
C SER A 298 20.43 6.93 4.11
N GLN A 299 21.19 7.87 3.56
CA GLN A 299 22.56 8.12 4.03
C GLN A 299 22.62 9.03 5.25
N ILE A 300 21.49 9.62 5.63
CA ILE A 300 21.41 10.47 6.81
C ILE A 300 20.39 9.91 7.80
N PRO A 301 20.77 8.84 8.53
CA PRO A 301 19.83 8.11 9.38
C PRO A 301 19.35 8.92 10.58
N CYS A 302 20.11 9.94 10.99
CA CYS A 302 19.68 10.75 12.12
C CYS A 302 18.61 11.74 11.67
N ASN A 303 17.45 11.66 12.30
CA ASN A 303 16.30 12.45 11.85
C ASN A 303 16.53 13.94 12.04
N GLY A 304 17.29 14.29 13.07
CA GLY A 304 17.62 15.68 13.32
C GLY A 304 18.45 16.25 12.19
N LYS A 305 19.46 15.49 11.77
CA LYS A 305 20.33 15.92 10.68
C LYS A 305 19.59 15.92 9.34
N ALA A 306 18.70 14.96 9.15
CA ALA A 306 17.91 14.90 7.91
C ALA A 306 16.98 16.11 7.80
N ALA A 307 16.26 16.40 8.89
CA ALA A 307 15.37 17.56 8.90
C ALA A 307 16.15 18.86 8.68
N ASP A 308 17.36 18.94 9.24
CA ASP A 308 18.21 20.10 9.04
C ASP A 308 18.53 20.28 7.55
N ARG A 309 18.84 19.17 6.89
CA ARG A 309 19.13 19.17 5.45
C ARG A 309 17.94 19.68 4.65
N ILE A 310 16.75 19.20 4.99
CA ILE A 310 15.54 19.64 4.31
C ILE A 310 15.37 21.15 4.47
N HIS A 311 15.51 21.64 5.70
CA HIS A 311 15.38 23.06 6.01
C HIS A 311 16.39 23.94 5.27
N GLN A 312 17.63 23.46 5.21
CA GLN A 312 18.70 24.20 4.55
C GLN A 312 18.50 24.30 3.03
N ASP A 313 17.73 23.38 2.46
CA ASP A 313 17.38 23.47 1.04
C ASP A 313 16.28 24.51 0.79
N GLY A 314 15.64 24.96 1.87
CA GLY A 314 14.67 26.03 1.80
C GLY A 314 13.30 25.64 1.29
N ILE A 315 12.92 24.39 1.54
CA ILE A 315 11.64 23.84 1.04
C ILE A 315 10.41 24.60 1.55
N HIS A 316 9.53 24.96 0.61
CA HIS A 316 8.28 25.67 0.93
C HIS A 316 7.16 24.68 1.23
N ILE A 317 7.01 23.68 0.36
CA ILE A 317 6.02 22.64 0.55
C ILE A 317 6.72 21.28 0.58
N LEU A 318 6.53 20.56 1.69
CA LEU A 318 7.11 19.25 1.89
C LEU A 318 5.97 18.23 1.85
N VAL A 319 6.17 17.17 1.07
CA VAL A 319 5.08 16.26 0.74
C VAL A 319 5.36 14.88 1.30
N ASN A 320 4.44 14.38 2.11
CA ASN A 320 4.59 13.10 2.78
C ASN A 320 3.91 12.02 1.95
N MET A 321 4.71 11.18 1.31
CA MET A 321 4.17 10.12 0.46
C MET A 321 4.12 8.76 1.15
N ASN A 322 4.54 8.71 2.42
CA ASN A 322 4.49 7.44 3.14
C ASN A 322 3.29 7.28 4.07
N GLY A 323 3.01 8.30 4.87
CA GLY A 323 2.04 8.16 5.94
C GLY A 323 2.49 7.02 6.83
N TYR A 324 1.55 6.19 7.27
CA TYR A 324 1.91 5.06 8.13
C TYR A 324 2.14 3.80 7.32
N THR A 325 3.16 3.84 6.47
CA THR A 325 3.57 2.67 5.72
C THR A 325 5.04 2.39 6.02
N LYS A 326 5.47 1.19 5.66
CA LYS A 326 6.84 0.74 5.88
C LYS A 326 7.82 1.71 5.25
N GLY A 327 8.88 2.04 5.98
CA GLY A 327 9.95 2.86 5.45
C GLY A 327 9.74 4.32 5.76
N ALA A 328 8.61 4.64 6.37
CA ALA A 328 8.30 6.03 6.70
C ALA A 328 9.28 6.60 7.70
N ARG A 329 9.53 7.90 7.60
CA ARG A 329 10.28 8.61 8.61
C ARG A 329 9.50 9.87 8.95
N ASN A 330 8.34 9.68 9.57
CA ASN A 330 7.46 10.80 9.85
C ASN A 330 8.03 11.72 10.91
N GLU A 331 9.06 11.26 11.61
CA GLU A 331 9.81 12.15 12.50
C GLU A 331 10.28 13.40 11.74
N LEU A 332 10.65 13.23 10.47
CA LEU A 332 11.05 14.37 9.62
C LEU A 332 9.95 15.43 9.51
N PHE A 333 8.70 15.00 9.46
CA PHE A 333 7.58 15.93 9.35
C PHE A 333 7.21 16.51 10.71
N ALA A 334 7.45 15.72 11.75
CA ALA A 334 7.16 16.17 13.11
C ALA A 334 8.12 17.31 13.50
N LEU A 335 9.32 17.30 12.93
CA LEU A 335 10.28 18.37 13.18
C LEU A 335 9.91 19.66 12.44
N ARG A 336 8.99 19.54 11.49
CA ARG A 336 8.46 20.69 10.73
C ARG A 336 9.48 21.62 10.09
N PRO A 337 10.36 21.09 9.22
CA PRO A 337 11.35 21.97 8.59
C PRO A 337 10.77 22.85 7.49
N ALA A 338 9.52 22.61 7.09
CA ALA A 338 8.90 23.40 6.04
C ALA A 338 7.59 24.02 6.53
N PRO A 339 7.25 25.20 5.99
CA PRO A 339 6.05 25.95 6.42
C PRO A 339 4.74 25.25 6.09
N ILE A 340 4.72 24.57 4.95
CA ILE A 340 3.54 23.82 4.53
C ILE A 340 3.88 22.35 4.33
N GLN A 341 3.12 21.47 4.98
CA GLN A 341 3.35 20.03 4.89
C GLN A 341 2.06 19.30 4.52
N ALA A 342 2.13 18.48 3.46
CA ALA A 342 0.95 17.86 2.89
C ALA A 342 1.13 16.36 2.66
N MET A 343 0.05 15.61 2.92
CA MET A 343 -0.03 14.19 2.64
C MET A 343 -0.45 14.00 1.19
N TRP A 344 0.22 13.07 0.49
CA TRP A 344 -0.10 12.86 -0.92
C TRP A 344 0.17 11.47 -1.45
N LEU A 345 -0.89 10.87 -1.99
CA LEU A 345 -0.82 9.69 -2.86
C LEU A 345 -0.47 8.35 -2.21
N GLY A 346 0.50 8.33 -1.31
CA GLY A 346 1.05 7.09 -0.80
C GLY A 346 0.23 6.38 0.27
N TYR A 347 -0.54 7.13 1.04
CA TYR A 347 -1.23 6.58 2.18
C TYR A 347 -2.72 6.97 2.11
N PRO A 348 -3.62 5.97 2.04
CA PRO A 348 -5.06 6.18 1.87
C PRO A 348 -5.79 6.46 3.19
N GLY A 349 -5.44 7.54 3.87
CA GLY A 349 -6.09 7.90 5.12
C GLY A 349 -5.45 9.12 5.76
N THR A 350 -6.03 9.57 6.87
CA THR A 350 -5.48 10.73 7.55
C THR A 350 -4.27 10.35 8.41
N SER A 351 -3.33 11.28 8.59
CA SER A 351 -2.22 11.06 9.49
C SER A 351 -2.69 11.21 10.93
N GLY A 352 -3.77 11.96 11.11
CA GLY A 352 -4.28 12.23 12.44
C GLY A 352 -3.32 13.10 13.23
N ALA A 353 -2.37 13.70 12.52
CA ALA A 353 -1.24 14.36 13.16
C ALA A 353 -1.32 15.87 13.06
N LEU A 354 -0.95 16.53 14.15
CA LEU A 354 -0.88 17.98 14.22
C LEU A 354 0.10 18.55 13.20
N PHE A 355 1.16 17.80 12.91
CA PHE A 355 2.26 18.31 12.08
C PHE A 355 2.04 18.22 10.56
N MET A 356 0.94 17.59 10.13
CA MET A 356 0.57 17.64 8.72
C MET A 356 -0.56 18.66 8.53
N ASP A 357 -0.40 19.55 7.55
CA ASP A 357 -1.36 20.63 7.31
C ASP A 357 -2.46 20.24 6.34
N TYR A 358 -2.09 19.62 5.22
CA TYR A 358 -3.05 19.31 4.16
C TYR A 358 -3.02 17.85 3.75
N ILE A 359 -4.16 17.34 3.33
CA ILE A 359 -4.19 16.09 2.58
C ILE A 359 -4.68 16.40 1.18
N ILE A 360 -3.90 15.99 0.19
CA ILE A 360 -4.28 16.23 -1.20
C ILE A 360 -5.21 15.15 -1.68
N THR A 361 -6.46 15.51 -1.90
CA THR A 361 -7.49 14.53 -2.23
C THR A 361 -8.41 15.09 -3.32
N ASP A 362 -9.68 14.69 -3.30
CA ASP A 362 -10.63 15.30 -4.24
C ASP A 362 -12.05 15.18 -3.73
N GLN A 363 -12.97 15.87 -4.40
CA GLN A 363 -14.35 15.98 -3.94
C GLN A 363 -15.03 14.63 -3.90
N GLU A 364 -14.75 13.78 -4.89
CA GLU A 364 -15.34 12.45 -4.96
C GLU A 364 -14.77 11.56 -3.87
N THR A 365 -13.46 11.60 -3.70
CA THR A 365 -12.79 10.80 -2.68
C THR A 365 -13.13 11.28 -1.27
N SER A 366 -13.06 12.58 -1.04
CA SER A 366 -13.22 13.12 0.30
C SER A 366 -14.18 14.30 0.32
N PRO A 367 -15.48 14.04 0.13
CA PRO A 367 -16.47 15.11 0.06
C PRO A 367 -16.46 15.96 1.32
N ALA A 368 -16.73 17.25 1.17
CA ALA A 368 -16.63 18.22 2.26
C ALA A 368 -17.37 17.79 3.53
N GLU A 369 -18.51 17.10 3.35
CA GLU A 369 -19.32 16.68 4.49
C GLU A 369 -18.68 15.60 5.38
N VAL A 370 -17.51 15.09 5.00
CA VAL A 370 -16.82 14.11 5.83
C VAL A 370 -15.47 14.61 6.34
N ALA A 371 -15.25 15.92 6.22
CA ALA A 371 -14.00 16.54 6.65
C ALA A 371 -13.63 16.28 8.12
N GLU A 372 -14.62 15.87 8.91
CA GLU A 372 -14.39 15.52 10.32
C GLU A 372 -13.56 14.24 10.44
N GLN A 373 -13.55 13.43 9.40
CA GLN A 373 -12.78 12.19 9.39
C GLN A 373 -11.27 12.45 9.30
N TYR A 374 -10.90 13.67 8.94
CA TYR A 374 -9.50 14.00 8.67
C TYR A 374 -8.97 15.01 9.66
N SER A 375 -7.68 14.93 9.97
CA SER A 375 -7.03 15.90 10.85
C SER A 375 -6.43 17.02 10.01
N GLU A 376 -6.12 16.71 8.75
CA GLU A 376 -5.62 17.70 7.81
C GLU A 376 -6.78 18.52 7.24
N LYS A 377 -6.48 19.65 6.63
CA LYS A 377 -7.43 20.37 5.79
C LYS A 377 -7.47 19.69 4.42
N LEU A 378 -8.65 19.62 3.81
CA LEU A 378 -8.78 19.03 2.48
C LEU A 378 -8.28 19.97 1.40
N ALA A 379 -7.38 19.47 0.56
CA ALA A 379 -6.88 20.22 -0.60
C ALA A 379 -7.27 19.47 -1.87
N TYR A 380 -8.25 19.99 -2.58
CA TYR A 380 -8.85 19.28 -3.71
C TYR A 380 -8.10 19.45 -5.02
N MET A 381 -7.73 18.33 -5.63
CA MET A 381 -7.40 18.33 -7.05
C MET A 381 -8.73 18.37 -7.81
N PRO A 382 -8.73 18.91 -9.03
CA PRO A 382 -9.99 19.17 -9.73
C PRO A 382 -10.71 17.93 -10.25
N HIS A 383 -9.96 16.88 -10.57
CA HIS A 383 -10.59 15.65 -11.05
C HIS A 383 -10.42 14.55 -9.99
N THR A 384 -9.40 13.70 -10.15
CA THR A 384 -9.04 12.76 -9.09
C THR A 384 -7.63 13.06 -8.59
N PHE A 385 -7.37 12.79 -7.31
CA PHE A 385 -6.03 12.97 -6.77
C PHE A 385 -5.15 11.81 -7.24
N PHE A 386 -5.79 10.78 -7.77
CA PHE A 386 -5.05 9.61 -8.19
C PHE A 386 -4.39 9.83 -9.56
N ILE A 387 -3.25 9.19 -9.77
CA ILE A 387 -2.55 9.28 -11.04
C ILE A 387 -1.77 7.98 -11.23
N GLY A 388 -1.46 7.66 -12.47
CA GLY A 388 -0.64 6.49 -12.78
C GLY A 388 0.25 6.83 -13.95
N ASP A 389 1.32 6.06 -14.12
CA ASP A 389 2.28 6.31 -15.19
C ASP A 389 2.09 5.37 -16.38
N HIS A 390 0.92 4.76 -16.48
CA HIS A 390 0.67 3.71 -17.47
C HIS A 390 0.92 4.13 -18.92
N ALA A 391 0.59 5.38 -19.23
CA ALA A 391 0.77 5.88 -20.60
C ALA A 391 2.25 5.87 -20.97
N ASN A 392 3.11 6.13 -20.00
CA ASN A 392 4.56 6.12 -20.19
C ASN A 392 5.16 4.70 -20.09
N MET A 393 4.69 3.92 -19.12
CA MET A 393 5.23 2.59 -18.85
C MET A 393 4.76 1.52 -19.82
N PHE A 394 3.50 1.60 -20.20
CA PHE A 394 2.89 0.54 -21.02
C PHE A 394 2.22 1.06 -22.28
N PRO A 395 2.93 1.86 -23.09
CA PRO A 395 2.25 2.35 -24.29
C PRO A 395 2.01 1.26 -25.33
N HIS A 396 2.65 0.09 -25.15
CA HIS A 396 2.42 -1.02 -26.07
C HIS A 396 0.99 -1.55 -25.97
N LEU A 397 0.26 -1.13 -24.93
CA LEU A 397 -1.12 -1.57 -24.71
C LEU A 397 -2.14 -0.55 -25.22
N LYS A 398 -1.66 0.58 -25.76
CA LYS A 398 -2.58 1.56 -26.35
C LYS A 398 -3.33 0.96 -27.53
N LYS A 399 -2.70 0.01 -28.21
CA LYS A 399 -3.36 -0.65 -29.33
C LYS A 399 -3.39 -2.17 -29.22
N LYS A 400 -4.37 -2.80 -29.86
CA LYS A 400 -4.42 -4.25 -29.88
C LYS A 400 -4.98 -4.80 -31.19
N ALA A 401 -4.82 -6.10 -31.38
CA ALA A 401 -5.42 -6.85 -32.47
C ALA A 401 -5.83 -8.19 -31.88
N VAL A 402 -6.71 -8.91 -32.57
CA VAL A 402 -7.09 -10.24 -32.12
C VAL A 402 -7.00 -11.20 -33.28
N ILE A 403 -7.12 -12.48 -32.97
CA ILE A 403 -7.10 -13.51 -34.00
C ILE A 403 -8.47 -14.18 -34.04
N ASP A 404 -9.03 -14.35 -35.23
CA ASP A 404 -10.32 -15.01 -35.38
C ASP A 404 -10.14 -16.52 -35.37
N PHE A 405 -10.06 -17.09 -34.17
CA PHE A 405 -9.91 -18.53 -33.98
C PHE A 405 -11.19 -19.31 -34.24
N LYS A 406 -12.31 -18.61 -34.41
CA LYS A 406 -13.58 -19.26 -34.75
C LYS A 406 -13.51 -20.03 -36.08
N ILE A 411 -16.65 -12.85 -33.31
CA ILE A 411 -15.36 -12.23 -32.97
C ILE A 411 -15.28 -11.65 -31.57
N TYR A 412 -14.27 -12.08 -30.81
CA TYR A 412 -14.09 -11.63 -29.43
C TYR A 412 -12.95 -10.62 -29.34
N ASP A 413 -13.08 -9.69 -28.41
CA ASP A 413 -12.03 -8.71 -28.19
C ASP A 413 -11.03 -9.14 -27.12
N ASN A 414 -11.25 -10.31 -26.52
CA ASN A 414 -10.51 -10.61 -25.29
C ASN A 414 -10.26 -12.11 -25.06
N ARG A 415 -10.16 -12.87 -26.16
CA ARG A 415 -9.85 -14.28 -26.06
C ARG A 415 -8.41 -14.55 -26.47
N ILE A 416 -8.02 -13.99 -27.59
CA ILE A 416 -6.63 -14.06 -28.07
C ILE A 416 -6.22 -12.67 -28.49
N VAL A 417 -5.32 -12.06 -27.72
CA VAL A 417 -4.93 -10.67 -27.93
C VAL A 417 -3.46 -10.51 -28.33
N LEU A 418 -3.19 -9.59 -29.25
CA LEU A 418 -1.81 -9.21 -29.53
C LEU A 418 -1.65 -7.72 -29.23
N ASN A 419 -0.55 -7.37 -28.60
CA ASN A 419 -0.18 -5.98 -28.37
C ASN A 419 1.25 -5.77 -28.81
N GLY A 420 1.59 -4.53 -29.12
CA GLY A 420 2.97 -4.20 -29.41
C GLY A 420 3.13 -2.76 -29.80
N ILE A 421 4.27 -2.21 -29.41
CA ILE A 421 4.80 -0.97 -29.96
C ILE A 421 4.78 -0.99 -31.49
N ASP A 422 5.31 -2.06 -32.08
CA ASP A 422 5.42 -2.20 -33.53
C ASP A 422 4.19 -2.83 -34.18
N LEU A 423 3.05 -2.84 -33.50
CA LEU A 423 1.90 -3.65 -33.94
C LEU A 423 1.37 -3.27 -35.32
N LYS A 424 1.21 -1.98 -35.57
CA LYS A 424 0.71 -1.56 -36.86
C LYS A 424 1.67 -1.95 -38.00
N ALA A 425 2.97 -1.81 -37.76
CA ALA A 425 3.98 -2.15 -38.77
C ALA A 425 3.90 -3.62 -39.14
N PHE A 426 3.63 -4.46 -38.16
CA PHE A 426 3.47 -5.89 -38.40
C PHE A 426 2.18 -6.18 -39.17
N LEU A 427 1.11 -5.50 -38.80
CA LEU A 427 -0.17 -5.71 -39.46
C LEU A 427 -0.11 -5.38 -40.95
N ASP A 428 0.72 -4.38 -41.29
CA ASP A 428 0.93 -4.02 -42.69
C ASP A 428 1.52 -5.17 -43.52
N SER A 429 2.46 -5.90 -42.93
CA SER A 429 3.14 -6.99 -43.63
C SER A 429 2.19 -8.14 -43.99
N LEU A 430 0.96 -8.07 -43.47
CA LEU A 430 -0.06 -9.07 -43.73
C LEU A 430 -1.04 -8.59 -44.81
N PRO A 431 -1.36 -9.49 -45.74
CA PRO A 431 -2.28 -9.23 -46.86
C PRO A 431 -3.75 -9.57 -46.61
N ASP A 432 -4.16 -9.86 -45.37
CA ASP A 432 -5.57 -10.21 -45.14
C ASP A 432 -6.16 -9.81 -43.77
N VAL A 433 -5.78 -8.64 -43.27
CA VAL A 433 -6.32 -8.15 -41.99
C VAL A 433 -7.72 -7.51 -42.13
N LYS A 434 -8.70 -8.04 -41.39
CA LYS A 434 -10.03 -7.46 -41.39
C LYS A 434 -10.18 -6.40 -40.30
N ILE A 435 -10.78 -5.27 -40.63
CA ILE A 435 -11.01 -4.23 -39.65
C ILE A 435 -12.47 -4.24 -39.21
N VAL A 436 -12.72 -4.46 -37.93
CA VAL A 436 -14.08 -4.46 -37.40
C VAL A 436 -14.38 -3.19 -36.61
N LYS A 437 -15.54 -2.60 -36.88
CA LYS A 437 -16.01 -1.43 -36.14
C LYS A 437 -16.60 -1.91 -34.81
N MET A 438 -16.43 -1.14 -33.75
CA MET A 438 -16.89 -1.55 -32.43
C MET A 438 -17.76 -0.48 -31.75
N LEU A 454 -11.07 4.43 -31.62
CA LEU A 454 -10.41 3.64 -32.65
C LEU A 454 -11.17 2.35 -32.94
N ASN A 455 -10.71 1.58 -33.93
CA ASN A 455 -11.34 0.30 -34.26
C ASN A 455 -10.42 -0.91 -34.02
N MET A 456 -10.81 -2.09 -34.49
CA MET A 456 -10.08 -3.31 -34.11
C MET A 456 -9.68 -4.21 -35.27
N PRO A 457 -8.36 -4.37 -35.48
CA PRO A 457 -7.85 -5.25 -36.51
C PRO A 457 -7.95 -6.72 -36.11
N VAL A 458 -8.43 -7.54 -37.03
CA VAL A 458 -8.62 -8.96 -36.79
C VAL A 458 -7.77 -9.77 -37.78
N ILE A 459 -6.93 -10.67 -37.27
CA ILE A 459 -6.18 -11.56 -38.13
C ILE A 459 -6.98 -12.84 -38.32
N PRO A 460 -7.26 -13.20 -39.58
CA PRO A 460 -8.07 -14.38 -39.86
C PRO A 460 -7.28 -15.64 -39.58
N MET A 461 -7.96 -16.78 -39.51
CA MET A 461 -7.32 -18.04 -39.14
C MET A 461 -6.51 -18.60 -40.31
N ASN A 462 -5.29 -18.11 -40.47
CA ASN A 462 -4.42 -18.50 -41.56
C ASN A 462 -3.14 -19.15 -41.06
N THR A 463 -2.15 -19.27 -41.94
CA THR A 463 -0.89 -19.92 -41.61
C THR A 463 -0.14 -19.19 -40.50
N ILE A 464 -0.06 -17.86 -40.59
CA ILE A 464 0.57 -17.08 -39.52
C ILE A 464 -0.17 -17.25 -38.19
N ALA A 465 -1.51 -17.15 -38.24
CA ALA A 465 -2.28 -17.30 -37.02
C ALA A 465 -2.11 -18.67 -36.41
N GLU A 466 -2.01 -19.69 -37.26
CA GLU A 466 -1.76 -21.06 -36.76
C GLU A 466 -0.42 -21.18 -36.04
N ALA A 467 0.60 -20.50 -36.56
CA ALA A 467 1.92 -20.51 -35.97
C ALA A 467 1.93 -19.82 -34.61
N VAL A 468 1.19 -18.72 -34.49
CA VAL A 468 1.05 -18.04 -33.21
C VAL A 468 0.34 -18.96 -32.20
N ILE A 469 -0.77 -19.56 -32.62
CA ILE A 469 -1.56 -20.41 -31.75
C ILE A 469 -0.78 -21.68 -31.34
N GLU A 470 0.02 -22.20 -32.26
CA GLU A 470 0.88 -23.34 -31.94
C GLU A 470 1.94 -22.95 -30.91
N MET A 471 2.49 -21.73 -31.03
CA MET A 471 3.44 -21.22 -30.03
C MET A 471 2.85 -21.25 -28.63
N ILE A 472 1.61 -20.80 -28.51
CA ILE A 472 0.92 -20.77 -27.22
C ILE A 472 0.64 -22.17 -26.73
N ASN A 473 0.10 -23.02 -27.61
CA ASN A 473 -0.27 -24.39 -27.24
C ASN A 473 0.94 -25.24 -26.88
N ARG A 474 2.06 -24.99 -27.53
CA ARG A 474 3.28 -25.75 -27.26
C ARG A 474 4.11 -25.09 -26.15
N GLY A 475 3.66 -23.93 -25.67
CA GLY A 475 4.40 -23.21 -24.66
C GLY A 475 5.78 -22.76 -25.14
N GLN A 476 5.89 -22.42 -26.41
CA GLN A 476 7.14 -21.90 -26.97
C GLN A 476 7.32 -20.45 -26.52
N ILE A 477 8.56 -20.00 -26.41
CA ILE A 477 8.87 -18.66 -25.90
C ILE A 477 8.62 -17.54 -26.92
N GLN A 478 9.06 -17.76 -28.15
CA GLN A 478 8.80 -16.78 -29.24
C GLN A 478 9.13 -17.30 -30.61
N ILE A 479 8.46 -16.73 -31.61
CA ILE A 479 8.71 -17.10 -32.99
C ILE A 479 9.01 -15.82 -33.78
N THR A 480 9.43 -15.98 -35.02
CA THR A 480 9.75 -14.84 -35.87
C THR A 480 8.90 -14.93 -37.14
N ILE A 481 8.12 -13.90 -37.42
CA ILE A 481 7.31 -13.87 -38.63
C ILE A 481 7.53 -12.58 -39.42
N ASN A 482 7.91 -12.70 -40.68
CA ASN A 482 8.30 -11.56 -41.49
C ASN A 482 9.33 -10.67 -40.77
N GLY A 483 10.26 -11.29 -40.04
CA GLY A 483 11.27 -10.56 -39.29
C GLY A 483 10.82 -10.00 -37.95
N PHE A 484 9.52 -10.04 -37.68
CA PHE A 484 9.02 -9.55 -36.40
C PHE A 484 9.11 -10.65 -35.34
N SER A 485 9.50 -10.25 -34.13
CA SER A 485 9.48 -11.16 -32.99
C SER A 485 8.09 -11.13 -32.37
N ILE A 486 7.49 -12.31 -32.23
CA ILE A 486 6.19 -12.47 -31.61
C ILE A 486 6.37 -13.34 -30.36
N SER A 487 6.02 -12.79 -29.20
CA SER A 487 6.37 -13.40 -27.92
C SER A 487 5.18 -14.07 -27.23
N ASN A 488 5.47 -15.17 -26.54
CA ASN A 488 4.52 -15.78 -25.61
C ASN A 488 4.43 -14.90 -24.37
N GLY A 489 3.27 -14.32 -24.09
CA GLY A 489 3.09 -13.42 -22.96
C GLY A 489 3.45 -13.95 -21.58
N LEU A 490 3.47 -15.28 -21.42
CA LEU A 490 3.93 -15.93 -20.19
C LEU A 490 5.45 -15.97 -20.03
N ALA A 491 6.19 -15.57 -21.06
CA ALA A 491 7.64 -15.75 -21.06
C ALA A 491 8.42 -14.45 -21.14
N THR A 492 7.77 -13.35 -20.76
CA THR A 492 8.40 -12.03 -20.85
C THR A 492 9.71 -11.91 -20.05
N THR A 493 9.77 -12.45 -18.84
CA THR A 493 11.03 -12.34 -18.09
C THR A 493 12.21 -13.04 -18.79
N GLN A 494 11.95 -14.14 -19.49
CA GLN A 494 13.01 -14.84 -20.23
C GLN A 494 13.49 -14.07 -21.46
N ILE A 495 12.65 -13.16 -21.92
CA ILE A 495 12.97 -12.38 -23.12
C ILE A 495 13.62 -11.06 -22.75
N ASN A 496 13.04 -10.38 -21.77
CA ASN A 496 13.57 -9.09 -21.33
C ASN A 496 13.04 -8.76 -19.92
N ASN A 497 13.87 -9.02 -18.91
CA ASN A 497 13.43 -8.81 -17.54
C ASN A 497 12.97 -7.39 -17.21
N LYS A 498 13.62 -6.38 -17.82
CA LYS A 498 13.24 -4.98 -17.61
C LYS A 498 11.87 -4.66 -18.23
N ALA A 499 11.53 -5.33 -19.33
CA ALA A 499 10.21 -5.14 -19.93
C ALA A 499 9.13 -5.71 -19.02
N ALA A 500 9.44 -6.81 -18.35
CA ALA A 500 8.49 -7.49 -17.47
C ALA A 500 8.18 -6.70 -16.20
N THR A 501 9.14 -5.93 -15.70
CA THR A 501 8.94 -5.18 -14.45
C THR A 501 8.32 -3.81 -14.74
N GLY A 502 8.30 -3.44 -16.00
CA GLY A 502 7.79 -2.14 -16.39
C GLY A 502 8.90 -1.11 -16.45
N GLU A 503 10.15 -1.53 -16.24
CA GLU A 503 11.29 -0.60 -16.36
C GLU A 503 11.57 -0.18 -17.79
N GLU A 504 11.16 -1.01 -18.75
CA GLU A 504 11.32 -0.72 -20.18
C GLU A 504 10.04 -1.13 -20.90
N VAL A 505 9.75 -0.45 -22.02
CA VAL A 505 8.62 -0.85 -22.86
C VAL A 505 9.05 -2.06 -23.67
N PRO A 506 8.21 -3.11 -23.73
CA PRO A 506 8.55 -4.33 -24.47
C PRO A 506 8.75 -3.96 -25.93
N ARG A 507 9.67 -4.64 -26.61
CA ARG A 507 9.89 -4.38 -28.02
C ARG A 507 9.11 -5.35 -28.92
N THR A 508 8.83 -6.56 -28.43
CA THR A 508 8.18 -7.56 -29.28
C THR A 508 6.67 -7.42 -29.38
N ILE A 509 6.08 -8.12 -30.34
CA ILE A 509 4.63 -8.26 -30.36
C ILE A 509 4.29 -9.39 -29.41
N ILE A 510 3.43 -9.10 -28.43
CA ILE A 510 3.15 -10.07 -27.36
C ILE A 510 1.78 -10.69 -27.54
N VAL A 511 1.67 -11.99 -27.25
CA VAL A 511 0.41 -12.70 -27.37
C VAL A 511 -0.07 -13.09 -25.98
N THR A 512 -1.34 -12.78 -25.70
CA THR A 512 -1.98 -13.09 -24.43
C THR A 512 -3.29 -13.82 -24.75
N THR A 513 -3.55 -14.95 -24.09
CA THR A 513 -4.77 -15.68 -24.39
C THR A 513 -5.51 -16.13 -23.13
N ARG A 514 -6.81 -16.37 -23.22
CA ARG A 514 -7.52 -16.94 -22.07
C ARG A 514 -6.99 -18.33 -21.72
N SER A 515 -6.52 -19.04 -22.73
CA SER A 515 -6.02 -20.40 -22.53
C SER A 515 -4.76 -20.46 -21.64
N GLN A 516 -3.96 -19.39 -21.67
CA GLN A 516 -2.78 -19.29 -20.81
C GLN A 516 -3.14 -19.30 -19.32
N TYR A 517 -4.37 -18.93 -18.97
CA TYR A 517 -4.77 -18.83 -17.57
C TYR A 517 -5.92 -19.75 -17.20
N GLY A 518 -6.30 -20.63 -18.13
CA GLY A 518 -7.38 -21.56 -17.89
C GLY A 518 -8.75 -20.91 -17.82
N LEU A 519 -8.89 -19.75 -18.46
CA LEU A 519 -10.18 -19.06 -18.53
C LEU A 519 -11.03 -19.66 -19.65
N PRO A 520 -12.36 -19.73 -19.44
CA PRO A 520 -13.21 -20.30 -20.50
C PRO A 520 -13.25 -19.41 -21.73
N GLU A 521 -13.27 -20.03 -22.92
CA GLU A 521 -13.32 -19.27 -24.17
C GLU A 521 -14.72 -18.73 -24.43
N ASP A 522 -15.72 -19.31 -23.77
CA ASP A 522 -17.10 -18.98 -24.11
C ASP A 522 -17.95 -18.62 -22.89
N ALA A 523 -17.43 -17.72 -22.08
CA ALA A 523 -18.14 -17.24 -20.90
C ALA A 523 -17.59 -15.89 -20.43
N ILE A 524 -18.41 -15.19 -19.68
CA ILE A 524 -18.04 -13.95 -19.02
C ILE A 524 -16.97 -14.18 -17.93
N VAL A 525 -15.91 -13.38 -17.97
CA VAL A 525 -14.85 -13.39 -16.95
C VAL A 525 -14.95 -12.10 -16.14
N TYR A 526 -15.32 -12.23 -14.86
CA TYR A 526 -15.23 -11.13 -13.91
C TYR A 526 -13.88 -11.25 -13.19
N CYS A 527 -13.15 -10.16 -13.06
CA CYS A 527 -11.84 -10.23 -12.39
C CYS A 527 -11.75 -9.38 -11.14
N ASN A 528 -10.80 -9.73 -10.27
CA ASN A 528 -10.31 -8.81 -9.26
C ASN A 528 -8.89 -9.25 -8.91
N PHE A 529 -7.93 -8.38 -9.15
CA PHE A 529 -6.52 -8.71 -9.00
C PHE A 529 -5.90 -8.11 -7.75
N ASN A 530 -6.72 -7.72 -6.79
CA ASN A 530 -6.20 -7.22 -5.53
C ASN A 530 -5.67 -8.31 -4.60
N GLN A 531 -4.81 -7.89 -3.67
CA GLN A 531 -4.47 -8.72 -2.53
C GLN A 531 -5.77 -9.17 -1.85
N LEU A 532 -5.80 -10.42 -1.42
CA LEU A 532 -7.05 -11.02 -0.91
C LEU A 532 -7.55 -10.39 0.39
N TYR A 533 -6.68 -9.76 1.16
CA TYR A 533 -7.11 -9.14 2.42
C TYR A 533 -8.24 -8.13 2.19
N LYS A 534 -8.39 -7.64 0.96
CA LYS A 534 -9.43 -6.65 0.69
C LYS A 534 -10.83 -7.22 0.59
N ILE A 535 -10.92 -8.56 0.56
CA ILE A 535 -12.19 -9.27 0.47
C ILE A 535 -12.73 -9.58 1.88
N ASP A 536 -14.00 -9.28 2.13
CA ASP A 536 -14.65 -9.69 3.39
C ASP A 536 -15.85 -10.57 3.03
N PRO A 537 -16.49 -11.21 4.03
CA PRO A 537 -17.65 -12.08 3.72
C PRO A 537 -18.74 -11.38 2.92
N SER A 538 -19.03 -10.12 3.23
CA SER A 538 -20.08 -9.39 2.55
C SER A 538 -19.75 -9.27 1.07
N THR A 539 -18.45 -9.11 0.78
CA THR A 539 -18.03 -8.93 -0.59
C THR A 539 -18.21 -10.22 -1.39
N LEU A 540 -17.78 -11.35 -0.83
CA LEU A 540 -17.86 -12.59 -1.57
C LEU A 540 -19.33 -12.96 -1.82
N GLN A 541 -20.19 -12.64 -0.85
CA GLN A 541 -21.63 -12.90 -0.98
C GLN A 541 -22.17 -12.15 -2.19
N MET A 542 -21.74 -10.90 -2.37
CA MET A 542 -22.20 -10.10 -3.51
C MET A 542 -21.74 -10.72 -4.81
N TRP A 543 -20.47 -11.12 -4.85
CA TRP A 543 -19.93 -11.78 -6.02
C TRP A 543 -20.65 -13.09 -6.31
N ALA A 544 -20.94 -13.86 -5.26
CA ALA A 544 -21.71 -15.09 -5.44
C ALA A 544 -23.04 -14.80 -6.15
N ASN A 545 -23.70 -13.72 -5.72
CA ASN A 545 -25.01 -13.41 -6.26
C ASN A 545 -24.96 -13.09 -7.74
N ILE A 546 -23.94 -12.35 -8.13
CA ILE A 546 -23.73 -12.00 -9.52
C ILE A 546 -23.52 -13.25 -10.36
N LEU A 547 -22.65 -14.13 -9.90
CA LEU A 547 -22.33 -15.34 -10.65
C LEU A 547 -23.57 -16.23 -10.79
N LYS A 548 -24.37 -16.27 -9.74
CA LYS A 548 -25.62 -17.05 -9.79
C LYS A 548 -26.57 -16.52 -10.86
N ARG A 549 -26.51 -15.23 -11.16
CA ARG A 549 -27.43 -14.60 -12.10
C ARG A 549 -26.88 -14.54 -13.53
N VAL A 550 -25.57 -14.77 -13.69
CA VAL A 550 -24.97 -14.84 -15.00
C VAL A 550 -24.38 -16.25 -15.16
N PRO A 551 -25.24 -17.22 -15.50
CA PRO A 551 -24.89 -18.65 -15.42
C PRO A 551 -23.63 -18.99 -16.19
N ASN A 552 -23.39 -18.24 -17.25
CA ASN A 552 -22.25 -18.48 -18.09
C ASN A 552 -21.12 -17.51 -17.72
N SER A 553 -20.55 -17.68 -16.51
CA SER A 553 -19.51 -16.77 -16.01
C SER A 553 -18.60 -17.34 -14.93
N VAL A 554 -17.38 -16.81 -14.85
CA VAL A 554 -16.44 -17.14 -13.79
C VAL A 554 -15.89 -15.92 -13.08
N LEU A 555 -15.31 -16.15 -11.91
CA LEU A 555 -14.58 -15.10 -11.21
C LEU A 555 -13.08 -15.43 -11.22
N TRP A 556 -12.26 -14.45 -11.59
CA TRP A 556 -10.83 -14.64 -11.75
C TRP A 556 -10.14 -13.86 -10.65
N LEU A 557 -9.41 -14.56 -9.79
CA LEU A 557 -8.72 -13.95 -8.65
C LEU A 557 -7.29 -14.40 -8.64
N LEU A 558 -6.49 -13.82 -7.76
CA LEU A 558 -5.07 -14.17 -7.68
C LEU A 558 -4.73 -14.89 -6.38
N ARG A 559 -3.74 -15.77 -6.45
CA ARG A 559 -3.09 -16.38 -5.29
C ARG A 559 -2.25 -15.33 -4.58
N PHE A 560 -2.90 -14.49 -3.78
CA PHE A 560 -2.28 -13.28 -3.30
C PHE A 560 -2.64 -13.08 -1.81
N PRO A 561 -2.22 -14.02 -0.93
CA PRO A 561 -1.33 -15.15 -1.15
C PRO A 561 -2.04 -16.46 -1.50
N ALA A 562 -1.27 -17.42 -1.99
CA ALA A 562 -1.82 -18.71 -2.40
C ALA A 562 -2.60 -19.42 -1.28
N VAL A 563 -2.15 -19.29 -0.05
CA VAL A 563 -2.83 -20.05 1.03
C VAL A 563 -4.23 -19.55 1.33
N GLY A 564 -4.61 -18.41 0.78
CA GLY A 564 -5.97 -17.92 0.91
C GLY A 564 -6.96 -18.60 -0.04
N GLU A 565 -6.46 -19.30 -1.04
CA GLU A 565 -7.30 -19.90 -2.09
C GLU A 565 -8.33 -20.93 -1.59
N PRO A 566 -7.90 -21.93 -0.79
CA PRO A 566 -8.90 -22.91 -0.36
C PRO A 566 -9.94 -22.30 0.60
N ASN A 567 -9.57 -21.24 1.30
CA ASN A 567 -10.54 -20.55 2.15
C ASN A 567 -11.64 -19.91 1.32
N ILE A 568 -11.24 -19.12 0.34
CA ILE A 568 -12.22 -18.50 -0.56
CA ILE A 568 -12.22 -18.50 -0.56
C ILE A 568 -13.10 -19.55 -1.24
N GLN A 569 -12.47 -20.64 -1.70
CA GLN A 569 -13.18 -21.74 -2.35
C GLN A 569 -14.24 -22.38 -1.42
N GLN A 570 -13.86 -22.64 -0.17
CA GLN A 570 -14.78 -23.16 0.85
C GLN A 570 -15.99 -22.25 1.04
N TYR A 571 -15.73 -20.96 1.28
CA TYR A 571 -16.82 -20.02 1.55
C TYR A 571 -17.72 -19.82 0.34
N ALA A 572 -17.12 -19.89 -0.85
CA ALA A 572 -17.86 -19.81 -2.09
C ALA A 572 -18.76 -21.03 -2.24
N GLN A 573 -18.18 -22.21 -2.03
CA GLN A 573 -18.93 -23.47 -2.10
C GLN A 573 -20.06 -23.46 -1.10
N ASN A 574 -19.81 -22.83 0.04
CA ASN A 574 -20.76 -22.71 1.13
C ASN A 574 -21.90 -21.76 0.77
N MET A 575 -21.63 -20.84 -0.15
CA MET A 575 -22.64 -19.92 -0.64
C MET A 575 -23.34 -20.49 -1.88
N GLY A 576 -22.97 -21.71 -2.27
CA GLY A 576 -23.65 -22.39 -3.37
C GLY A 576 -22.97 -22.38 -4.73
N LEU A 577 -21.70 -21.99 -4.76
CA LEU A 577 -20.94 -21.95 -6.00
C LEU A 577 -20.02 -23.15 -6.14
N PRO A 578 -20.15 -23.91 -7.24
CA PRO A 578 -19.17 -24.98 -7.47
C PRO A 578 -17.75 -24.42 -7.59
N GLN A 579 -16.74 -25.28 -7.45
CA GLN A 579 -15.35 -24.85 -7.39
C GLN A 579 -14.87 -24.24 -8.71
N ASN A 580 -15.39 -24.78 -9.81
CA ASN A 580 -14.93 -24.36 -11.14
C ASN A 580 -15.51 -23.03 -11.59
N ARG A 581 -16.25 -22.35 -10.71
CA ARG A 581 -16.72 -21.00 -11.04
C ARG A 581 -15.69 -19.93 -10.66
N ILE A 582 -14.71 -20.29 -9.83
CA ILE A 582 -13.65 -19.36 -9.43
C ILE A 582 -12.29 -19.86 -9.90
N ILE A 583 -11.62 -19.06 -10.71
CA ILE A 583 -10.34 -19.45 -11.27
C ILE A 583 -9.24 -18.58 -10.68
N PHE A 584 -8.20 -19.23 -10.16
CA PHE A 584 -7.09 -18.52 -9.54
C PHE A 584 -5.87 -18.54 -10.44
N SER A 585 -5.16 -17.41 -10.49
CA SER A 585 -3.89 -17.32 -11.19
C SER A 585 -2.80 -16.84 -10.23
N PRO A 586 -1.53 -17.22 -10.47
CA PRO A 586 -0.44 -16.69 -9.65
C PRO A 586 -0.30 -15.19 -9.88
N VAL A 587 0.30 -14.48 -8.93
CA VAL A 587 0.73 -13.09 -9.11
C VAL A 587 1.77 -13.08 -10.23
N ALA A 588 1.75 -12.05 -11.07
CA ALA A 588 2.58 -12.01 -12.26
C ALA A 588 3.50 -10.80 -12.21
N PRO A 589 4.56 -10.78 -13.04
CA PRO A 589 5.32 -9.54 -13.22
C PRO A 589 4.40 -8.39 -13.59
N LYS A 590 4.79 -7.18 -13.19
CA LYS A 590 3.98 -5.98 -13.41
C LYS A 590 3.36 -5.87 -14.82
N GLU A 591 4.19 -6.00 -15.84
CA GLU A 591 3.72 -5.86 -17.23
C GLU A 591 2.70 -6.91 -17.63
N GLU A 592 2.95 -8.17 -17.30
CA GLU A 592 1.97 -9.24 -17.53
C GLU A 592 0.65 -9.04 -16.77
N HIS A 593 0.73 -8.64 -15.51
CA HIS A 593 -0.46 -8.28 -14.72
C HIS A 593 -1.31 -7.21 -15.43
N VAL A 594 -0.70 -6.13 -15.89
CA VAL A 594 -1.49 -5.11 -16.55
C VAL A 594 -2.05 -5.65 -17.88
N ARG A 595 -1.21 -6.31 -18.65
CA ARG A 595 -1.58 -6.84 -19.98
C ARG A 595 -2.70 -7.91 -19.94
N ARG A 596 -2.65 -8.80 -18.95
CA ARG A 596 -3.67 -9.85 -18.90
C ARG A 596 -5.06 -9.37 -18.44
N GLY A 597 -5.14 -8.14 -17.94
CA GLY A 597 -6.42 -7.50 -17.63
C GLY A 597 -7.30 -7.39 -18.88
N GLN A 598 -6.67 -7.40 -20.05
CA GLN A 598 -7.41 -7.31 -21.31
C GLN A 598 -8.26 -8.54 -21.57
N LEU A 599 -7.95 -9.66 -20.91
CA LEU A 599 -8.70 -10.91 -21.11
C LEU A 599 -10.04 -10.95 -20.38
N ALA A 600 -10.21 -10.12 -19.35
CA ALA A 600 -11.44 -10.12 -18.58
C ALA A 600 -12.48 -9.28 -19.30
N ASP A 601 -13.75 -9.53 -18.96
CA ASP A 601 -14.85 -8.72 -19.48
C ASP A 601 -15.09 -7.54 -18.54
N VAL A 602 -15.13 -7.84 -17.24
CA VAL A 602 -15.50 -6.84 -16.23
C VAL A 602 -14.68 -7.07 -14.97
N CYS A 603 -14.25 -6.00 -14.31
CA CYS A 603 -13.60 -6.12 -13.01
C CYS A 603 -14.57 -5.74 -11.91
N LEU A 604 -14.61 -6.55 -10.87
CA LEU A 604 -15.49 -6.27 -9.72
C LEU A 604 -14.63 -5.74 -8.59
N ASP A 605 -14.75 -4.45 -8.33
CA ASP A 605 -13.94 -3.82 -7.29
C ASP A 605 -14.39 -4.25 -5.89
N THR A 606 -13.43 -4.30 -4.96
CA THR A 606 -13.69 -4.62 -3.56
C THR A 606 -14.18 -3.39 -2.79
N PRO A 607 -15.40 -3.43 -2.27
CA PRO A 607 -15.93 -2.25 -1.57
C PRO A 607 -15.23 -1.93 -0.24
N LEU A 608 -14.71 -2.94 0.45
CA LEU A 608 -14.06 -2.73 1.75
C LEU A 608 -12.86 -1.80 1.66
N CYS A 609 -12.00 -2.08 0.68
CA CYS A 609 -10.86 -1.24 0.33
C CYS A 609 -10.69 -1.47 -1.17
N ASN A 610 -10.81 -0.40 -1.96
CA ASN A 610 -10.85 -0.53 -3.41
C ASN A 610 -9.45 -0.89 -3.91
N GLY A 611 -9.38 -1.35 -5.16
CA GLY A 611 -8.13 -1.33 -5.88
C GLY A 611 -7.78 0.14 -6.03
N HIS A 612 -6.52 0.49 -5.78
CA HIS A 612 -6.08 1.86 -6.03
C HIS A 612 -5.12 1.82 -7.22
N THR A 613 -3.87 1.45 -6.98
CA THR A 613 -2.97 1.14 -8.11
C THR A 613 -3.62 0.08 -9.01
N THR A 614 -4.22 -0.93 -8.39
CA THR A 614 -4.81 -2.02 -9.14
C THR A 614 -5.99 -1.56 -10.00
N GLY A 615 -6.69 -0.53 -9.52
CA GLY A 615 -7.78 0.08 -10.27
C GLY A 615 -7.25 0.74 -11.53
N MET A 616 -6.17 1.50 -11.41
CA MET A 616 -5.57 2.12 -12.58
C MET A 616 -5.10 1.05 -13.57
N ASP A 617 -4.48 -0.02 -13.04
CA ASP A 617 -4.03 -1.15 -13.86
C ASP A 617 -5.18 -1.72 -14.72
N VAL A 618 -6.31 -1.96 -14.09
CA VAL A 618 -7.44 -2.56 -14.79
C VAL A 618 -8.01 -1.61 -15.87
N LEU A 619 -8.11 -0.33 -15.56
CA LEU A 619 -8.68 0.63 -16.49
C LEU A 619 -7.74 0.84 -17.69
N TRP A 620 -6.44 0.75 -17.47
CA TRP A 620 -5.51 0.93 -18.59
C TRP A 620 -5.70 -0.20 -19.61
N ALA A 621 -6.19 -1.35 -19.14
CA ALA A 621 -6.39 -2.51 -20.02
C ALA A 621 -7.65 -2.35 -20.87
N GLY A 622 -8.50 -1.37 -20.54
CA GLY A 622 -9.77 -1.20 -21.23
C GLY A 622 -10.88 -1.97 -20.54
N THR A 623 -10.63 -2.39 -19.30
CA THR A 623 -11.59 -3.23 -18.60
C THR A 623 -12.49 -2.43 -17.68
N PRO A 624 -13.79 -2.43 -17.95
CA PRO A 624 -14.74 -1.75 -17.06
C PRO A 624 -14.63 -2.27 -15.63
N MET A 625 -14.75 -1.38 -14.66
CA MET A 625 -14.64 -1.76 -13.25
C MET A 625 -15.90 -1.26 -12.54
N VAL A 626 -16.58 -2.18 -11.87
CA VAL A 626 -17.79 -1.85 -11.13
C VAL A 626 -17.40 -1.53 -9.68
N THR A 627 -17.80 -0.38 -9.17
CA THR A 627 -17.41 -0.03 -7.81
C THR A 627 -18.58 0.45 -6.94
N MET A 628 -18.43 0.35 -5.62
CA MET A 628 -19.43 0.89 -4.66
C MET A 628 -18.72 1.66 -3.55
N PRO A 629 -18.65 2.99 -3.69
CA PRO A 629 -17.86 3.81 -2.75
C PRO A 629 -18.46 3.77 -1.35
N GLY A 630 -17.60 3.70 -0.35
CA GLY A 630 -18.05 3.64 1.03
C GLY A 630 -17.81 4.95 1.77
N GLU A 631 -17.42 4.85 3.02
CA GLU A 631 -17.26 6.04 3.86
C GLU A 631 -15.81 6.38 4.15
N THR A 632 -14.93 5.40 3.99
CA THR A 632 -13.51 5.66 4.20
C THR A 632 -12.89 6.13 2.89
N LEU A 633 -11.79 6.86 2.99
CA LEU A 633 -11.03 7.26 1.80
C LEU A 633 -10.70 6.05 0.93
N ALA A 634 -10.25 4.96 1.56
CA ALA A 634 -9.77 3.81 0.81
C ALA A 634 -10.90 3.11 0.05
N SER A 635 -12.12 3.27 0.54
CA SER A 635 -13.28 2.65 -0.11
C SER A 635 -13.89 3.49 -1.22
N ARG A 636 -13.36 4.69 -1.46
CA ARG A 636 -13.96 5.62 -2.42
C ARG A 636 -13.06 5.97 -3.61
N VAL A 637 -11.82 5.50 -3.58
CA VAL A 637 -10.85 5.82 -4.64
C VAL A 637 -11.21 5.36 -6.07
N ALA A 638 -11.66 4.12 -6.20
CA ALA A 638 -12.08 3.61 -7.50
C ALA A 638 -13.21 4.45 -8.13
N ALA A 639 -14.14 4.91 -7.32
CA ALA A 639 -15.22 5.77 -7.83
C ALA A 639 -14.67 7.11 -8.32
N SER A 640 -13.67 7.64 -7.62
CA SER A 640 -13.03 8.86 -8.06
C SER A 640 -12.30 8.66 -9.40
N GLN A 641 -11.64 7.51 -9.57
CA GLN A 641 -10.98 7.16 -10.84
C GLN A 641 -12.00 7.06 -11.96
N LEU A 642 -13.15 6.47 -11.65
CA LEU A 642 -14.17 6.24 -12.67
C LEU A 642 -14.86 7.54 -13.08
N THR A 643 -14.97 8.44 -12.11
CA THR A 643 -15.59 9.75 -12.32
C THR A 643 -14.70 10.59 -13.23
N CYS A 644 -13.41 10.61 -12.92
CA CYS A 644 -12.46 11.27 -13.80
C CYS A 644 -12.48 10.68 -15.20
N LEU A 645 -12.59 9.35 -15.27
CA LEU A 645 -12.62 8.64 -16.55
C LEU A 645 -13.88 8.98 -17.35
N GLY A 646 -14.95 9.33 -16.65
CA GLY A 646 -16.20 9.67 -17.31
C GLY A 646 -17.11 8.46 -17.49
N CYS A 647 -17.16 7.60 -16.48
CA CYS A 647 -18.03 6.41 -16.52
C CYS A 647 -18.84 6.30 -15.25
N LEU A 648 -19.76 7.24 -15.06
CA LEU A 648 -20.57 7.27 -13.85
C LEU A 648 -21.50 6.06 -13.75
N GLU A 649 -21.80 5.43 -14.88
CA GLU A 649 -22.70 4.27 -14.91
C GLU A 649 -22.10 3.04 -14.22
N LEU A 650 -20.80 3.07 -13.95
CA LEU A 650 -20.13 1.96 -13.27
C LEU A 650 -20.05 2.14 -11.75
N ILE A 651 -20.58 3.26 -11.27
CA ILE A 651 -20.52 3.56 -9.85
C ILE A 651 -21.86 3.27 -9.18
N ALA A 652 -21.87 2.36 -8.22
CA ALA A 652 -23.10 1.92 -7.56
C ALA A 652 -23.32 2.64 -6.22
N LYS A 653 -24.59 2.88 -5.90
CA LYS A 653 -24.93 3.61 -4.68
C LYS A 653 -25.27 2.68 -3.53
N ASN A 654 -25.40 1.40 -3.83
CA ASN A 654 -25.65 0.37 -2.81
C ASN A 654 -25.35 -1.01 -3.39
N ARG A 655 -25.46 -2.06 -2.59
CA ARG A 655 -25.04 -3.40 -3.03
C ARG A 655 -25.94 -3.92 -4.13
N GLN A 656 -27.22 -3.57 -4.02
CA GLN A 656 -28.19 -3.89 -5.03
C GLN A 656 -27.78 -3.44 -6.42
N GLU A 657 -27.34 -2.19 -6.52
CA GLU A 657 -27.02 -1.59 -7.79
C GLU A 657 -25.72 -2.16 -8.33
N TYR A 658 -24.77 -2.44 -7.44
CA TYR A 658 -23.50 -3.06 -7.80
C TYR A 658 -23.75 -4.40 -8.49
N GLU A 659 -24.61 -5.22 -7.88
CA GLU A 659 -24.95 -6.51 -8.47
C GLU A 659 -25.67 -6.33 -9.83
N ASP A 660 -26.64 -5.42 -9.90
CA ASP A 660 -27.39 -5.23 -11.16
C ASP A 660 -26.50 -4.69 -12.29
N ILE A 661 -25.60 -3.77 -11.98
CA ILE A 661 -24.67 -3.25 -12.97
C ILE A 661 -23.80 -4.38 -13.52
N ALA A 662 -23.22 -5.16 -12.60
CA ALA A 662 -22.40 -6.30 -12.98
C ALA A 662 -23.18 -7.35 -13.79
N VAL A 663 -24.41 -7.66 -13.36
CA VAL A 663 -25.23 -8.64 -14.06
C VAL A 663 -25.61 -8.12 -15.45
N LYS A 664 -25.94 -6.84 -15.54
CA LYS A 664 -26.28 -6.28 -16.85
C LYS A 664 -25.09 -6.37 -17.82
N LEU A 665 -23.88 -6.06 -17.34
CA LEU A 665 -22.68 -6.14 -18.20
C LEU A 665 -22.41 -7.58 -18.65
N GLY A 666 -22.80 -8.54 -17.83
CA GLY A 666 -22.55 -9.94 -18.14
C GLY A 666 -23.64 -10.61 -18.98
N THR A 667 -24.78 -9.96 -19.12
CA THR A 667 -25.90 -10.61 -19.81
C THR A 667 -26.33 -9.84 -21.08
N ASP A 668 -26.16 -8.53 -21.05
CA ASP A 668 -26.50 -7.69 -22.20
C ASP A 668 -25.19 -7.43 -22.95
N LEU A 669 -24.87 -8.33 -23.88
CA LEU A 669 -23.59 -8.30 -24.55
C LEU A 669 -23.41 -7.06 -25.45
N GLU A 670 -24.49 -6.46 -25.93
CA GLU A 670 -24.35 -5.20 -26.65
C GLU A 670 -23.98 -4.03 -25.71
N TYR A 671 -24.50 -4.07 -24.50
CA TYR A 671 -24.18 -3.06 -23.51
C TYR A 671 -22.73 -3.21 -23.04
N LEU A 672 -22.26 -4.46 -22.95
CA LEU A 672 -20.86 -4.72 -22.57
C LEU A 672 -19.90 -4.16 -23.63
N LYS A 673 -20.23 -4.38 -24.90
CA LYS A 673 -19.38 -3.89 -25.99
C LYS A 673 -19.28 -2.37 -25.94
N LYS A 674 -20.41 -1.71 -25.69
CA LYS A 674 -20.45 -0.24 -25.61
C LYS A 674 -19.55 0.30 -24.49
N VAL A 675 -19.81 -0.16 -23.26
CA VAL A 675 -19.06 0.24 -22.09
C VAL A 675 -17.55 -0.09 -22.17
N ARG A 676 -17.20 -1.27 -22.66
CA ARG A 676 -15.79 -1.61 -22.87
C ARG A 676 -15.15 -0.65 -23.86
N GLY A 677 -15.88 -0.30 -24.93
CA GLY A 677 -15.37 0.65 -25.89
C GLY A 677 -15.19 2.03 -25.26
N LYS A 678 -16.11 2.39 -24.38
CA LYS A 678 -16.03 3.67 -23.69
C LYS A 678 -14.78 3.74 -22.79
N VAL A 679 -14.48 2.65 -22.08
CA VAL A 679 -13.29 2.66 -21.23
C VAL A 679 -12.02 2.70 -22.08
N TRP A 680 -11.98 1.88 -23.13
CA TRP A 680 -10.82 1.77 -24.01
C TRP A 680 -10.46 3.11 -24.64
N LYS A 681 -11.48 3.89 -24.98
CA LYS A 681 -11.27 5.20 -25.62
C LYS A 681 -10.91 6.28 -24.60
N GLN A 682 -11.61 6.27 -23.48
CA GLN A 682 -11.47 7.34 -22.49
C GLN A 682 -10.26 7.21 -21.58
N ARG A 683 -9.63 6.03 -21.56
CA ARG A 683 -8.38 5.94 -20.81
C ARG A 683 -7.36 6.88 -21.47
N ILE A 684 -7.57 7.16 -22.77
CA ILE A 684 -6.72 8.09 -23.51
C ILE A 684 -7.22 9.54 -23.49
N SER A 685 -8.51 9.74 -23.72
CA SER A 685 -9.07 11.10 -23.84
C SER A 685 -9.41 11.80 -22.50
N SER A 686 -9.67 11.04 -21.44
CA SER A 686 -9.98 11.66 -20.16
C SER A 686 -8.66 12.11 -19.52
N PRO A 687 -8.72 12.84 -18.40
CA PRO A 687 -7.44 13.21 -17.78
C PRO A 687 -6.81 12.10 -16.92
N LEU A 688 -7.44 10.93 -16.84
CA LEU A 688 -7.07 9.93 -15.82
C LEU A 688 -5.59 9.50 -15.85
N PHE A 689 -5.08 9.23 -17.05
CA PHE A 689 -3.68 8.85 -17.21
C PHE A 689 -2.82 10.00 -17.78
N ASN A 690 -3.32 11.24 -17.73
CA ASN A 690 -2.60 12.39 -18.29
C ASN A 690 -1.68 13.07 -17.27
N THR A 691 -0.45 12.58 -17.17
CA THR A 691 0.49 13.07 -16.15
C THR A 691 0.87 14.55 -16.35
N LYS A 692 0.88 15.00 -17.59
CA LYS A 692 1.18 16.41 -17.88
C LYS A 692 0.11 17.33 -17.29
N GLN A 693 -1.16 17.05 -17.62
CA GLN A 693 -2.27 17.83 -17.07
C GLN A 693 -2.30 17.71 -15.54
N TYR A 694 -2.16 16.49 -15.02
CA TYR A 694 -2.11 16.30 -13.56
C TYR A 694 -1.08 17.21 -12.87
N THR A 695 0.11 17.32 -13.44
CA THR A 695 1.18 18.09 -12.83
C THR A 695 0.82 19.58 -12.79
N MET A 696 0.23 20.08 -13.85
CA MET A 696 -0.17 21.49 -13.87
C MET A 696 -1.24 21.79 -12.83
N GLU A 697 -2.19 20.87 -12.69
CA GLU A 697 -3.25 21.06 -11.72
C GLU A 697 -2.70 20.99 -10.30
N LEU A 698 -1.78 20.06 -10.08
CA LEU A 698 -1.08 19.96 -8.81
C LEU A 698 -0.31 21.25 -8.51
N GLU A 699 0.32 21.82 -9.54
CA GLU A 699 1.06 23.08 -9.39
C GLU A 699 0.16 24.23 -8.99
N ARG A 700 -1.05 24.29 -9.55
CA ARG A 700 -2.00 25.35 -9.20
C ARG A 700 -2.40 25.22 -7.75
N LEU A 701 -2.64 23.98 -7.31
CA LEU A 701 -3.04 23.73 -5.93
C LEU A 701 -1.91 24.10 -4.98
N TYR A 702 -0.66 23.81 -5.37
CA TYR A 702 0.49 24.19 -4.56
C TYR A 702 0.52 25.70 -4.36
N LEU A 703 0.20 26.44 -5.43
CA LEU A 703 0.22 27.90 -5.37
C LEU A 703 -0.85 28.46 -4.43
N GLN A 704 -2.05 27.92 -4.51
CA GLN A 704 -3.12 28.34 -3.61
C GLN A 704 -2.72 28.13 -2.15
N MET A 705 -2.05 27.01 -1.90
CA MET A 705 -1.49 26.72 -0.59
C MET A 705 -0.46 27.78 -0.20
N TRP A 706 0.44 28.10 -1.12
CA TRP A 706 1.50 29.04 -0.81
C TRP A 706 1.01 30.47 -0.58
N GLU A 707 0.17 30.98 -1.48
CA GLU A 707 -0.32 32.36 -1.38
C GLU A 707 -1.11 32.55 -0.09
N HIS A 708 -1.81 31.50 0.32
CA HIS A 708 -2.56 31.48 1.57
C HIS A 708 -1.62 31.64 2.76
N TYR A 709 -0.48 30.95 2.73
CA TYR A 709 0.50 31.06 3.80
C TYR A 709 1.28 32.37 3.72
N ALA A 710 1.57 32.82 2.49
CA ALA A 710 2.36 34.03 2.30
C ALA A 710 1.58 35.24 2.78
N ALA A 711 0.25 35.12 2.79
CA ALA A 711 -0.63 36.16 3.33
C ALA A 711 -0.86 35.96 4.83
N GLY A 712 -0.01 35.13 5.44
CA GLY A 712 0.03 34.97 6.88
C GLY A 712 -1.13 34.19 7.47
N ASN A 713 -1.78 33.35 6.67
CA ASN A 713 -2.89 32.55 7.15
C ASN A 713 -2.47 31.15 7.56
N LYS A 714 -3.20 30.57 8.52
CA LYS A 714 -3.05 29.17 8.87
C LYS A 714 -3.80 28.34 7.82
N PRO A 715 -3.46 27.03 7.71
CA PRO A 715 -4.13 26.15 6.75
C PRO A 715 -5.66 26.17 6.85
N ASP A 716 -6.30 26.18 5.69
CA ASP A 716 -7.76 26.06 5.61
C ASP A 716 -8.13 25.23 4.37
N HIS A 717 -9.28 24.57 4.40
CA HIS A 717 -9.77 23.79 3.26
C HIS A 717 -9.71 24.54 1.92
N MET A 718 -9.10 23.92 0.92
CA MET A 718 -9.01 24.46 -0.43
C MET A 718 -9.92 23.65 -1.34
N ILE A 719 -11.22 23.84 -1.17
CA ILE A 719 -12.19 22.99 -1.87
C ILE A 719 -12.93 23.77 -2.94
N LYS A 720 -12.80 25.09 -2.90
CA LYS A 720 -13.48 25.99 -3.84
C LYS A 720 -14.98 25.69 -3.97
N GLU B 13 5.83 -3.60 8.37
CA GLU B 13 6.50 -3.86 9.64
C GLU B 13 5.49 -4.06 10.78
N THR B 14 5.46 -5.26 11.35
CA THR B 14 4.54 -5.54 12.42
C THR B 14 5.12 -5.10 13.76
N GLY B 15 4.29 -4.42 14.56
CA GLY B 15 4.69 -3.98 15.88
C GLY B 15 4.96 -5.14 16.82
N THR B 16 5.75 -4.87 17.86
CA THR B 16 6.07 -5.89 18.84
C THR B 16 5.68 -5.41 20.22
N THR B 17 5.82 -6.29 21.20
CA THR B 17 5.41 -6.01 22.57
C THR B 17 6.63 -6.05 23.48
N ASN B 18 6.99 -4.91 24.06
CA ASN B 18 8.01 -4.89 25.12
C ASN B 18 7.43 -5.38 26.44
N THR B 19 8.26 -6.11 27.19
CA THR B 19 7.87 -6.63 28.49
C THR B 19 8.50 -5.81 29.60
N ALA B 20 7.68 -5.35 30.53
CA ALA B 20 8.17 -4.55 31.66
C ALA B 20 8.41 -5.45 32.85
N THR B 21 9.61 -5.37 33.40
CA THR B 21 9.97 -6.23 34.51
C THR B 21 9.82 -5.49 35.85
N THR B 22 9.01 -6.05 36.73
CA THR B 22 8.81 -5.45 38.06
C THR B 22 9.82 -6.07 39.02
N ALA B 23 10.44 -5.21 39.84
CA ALA B 23 11.45 -5.60 40.81
C ALA B 23 10.82 -6.06 42.12
N THR B 24 11.22 -7.25 42.58
CA THR B 24 10.66 -7.85 43.79
C THR B 24 11.76 -8.36 44.72
#